data_2ZU7
#
_entry.id   2ZU7
#
_cell.length_a   55.075
_cell.length_b   86.923
_cell.length_c   83.328
_cell.angle_alpha   90.00
_cell.angle_beta   101.78
_cell.angle_gamma   90.00
#
_symmetry.space_group_name_H-M   'P 1 21 1'
#
loop_
_entity.id
_entity.type
_entity.pdbx_description
1 polymer 'Mannosyl-3-phosphoglycerate synthase'
2 water water
#
_entity_poly.entity_id   1
_entity_poly.type   'polypeptide(L)'
_entity_poly.pdbx_seq_one_letter_code
;(MSE)LLEAPVYKEIFGAVTIHEVQKVIK(MSE)DTETEEVPIYTISNIPREKIYDLLGK(MSE)AVIVP(MSE)KNEKL
HLVDGVLKAIPHKCPIIIVSNSKREGPNRYKLEVDLIRHFYNLTHSKII(MSE)IHQKDPGLAKAFKEVGYTDILDENG
(MSE)IRSGKGEG(MSE)LVGLLLAKAIGAEYVGFVDADNYIPGAVNEYVKDYAAGFL(MSE)SESEYT(MSE)VRLHWR
HKPKVTKGTLYFKKWGRVSEITNHYLNLLVSEHTAFETTI(MSE)VTGNAGEHA(MSE)T(MSE)KLAEILPFSTGYSIE
PYEIVYILERFGKWENVEEFKDVFDQGIEIFQIETLNPHFHEDKGKEHVKE(MSE)LLLSLATIYHSKLATDNLRKRILK
DLRDHGILGENEEPPKPLV(MSE)RPIKEIPIKEW(MSE)DIVEGNSETLLRFEL
;
_entity_poly.pdbx_strand_id   A,B
#
# COMPACT_ATOMS: atom_id res chain seq x y z
N LEU A 2 -8.10 -11.60 4.87
CA LEU A 2 -8.00 -12.59 5.95
C LEU A 2 -7.27 -11.94 7.12
N LEU A 3 -7.71 -12.26 8.32
CA LEU A 3 -7.13 -11.70 9.52
C LEU A 3 -7.03 -12.82 10.52
N GLU A 4 -6.20 -12.67 11.53
CA GLU A 4 -6.16 -13.68 12.57
C GLU A 4 -7.52 -13.51 13.25
N ALA A 5 -8.13 -14.60 13.67
CA ALA A 5 -9.44 -14.51 14.33
C ALA A 5 -9.34 -13.88 15.71
N PRO A 6 -10.43 -13.22 16.14
CA PRO A 6 -10.43 -12.60 17.45
C PRO A 6 -10.66 -13.69 18.47
N VAL A 7 -9.62 -14.08 19.20
CA VAL A 7 -9.82 -15.08 20.22
C VAL A 7 -9.65 -14.46 21.59
N TYR A 8 -8.46 -13.94 21.90
CA TYR A 8 -8.20 -13.35 23.20
C TYR A 8 -8.75 -11.92 23.29
N LYS A 9 -9.08 -11.51 24.52
CA LYS A 9 -9.61 -10.18 24.79
C LYS A 9 -9.88 -9.99 26.27
N GLU A 10 -10.05 -8.75 26.68
CA GLU A 10 -10.32 -8.49 28.07
C GLU A 10 -11.50 -7.55 28.17
N ILE A 11 -12.24 -7.70 29.26
CA ILE A 11 -13.41 -6.91 29.48
C ILE A 11 -13.26 -6.02 30.71
N PHE A 12 -13.84 -4.84 30.65
CA PHE A 12 -13.81 -3.89 31.75
C PHE A 12 -15.20 -3.29 31.74
N GLY A 13 -16.00 -3.70 32.71
CA GLY A 13 -17.36 -3.21 32.74
C GLY A 13 -17.97 -3.59 31.40
N ALA A 14 -18.47 -2.59 30.69
CA ALA A 14 -19.12 -2.81 29.41
C ALA A 14 -18.14 -2.67 28.24
N VAL A 15 -16.85 -2.54 28.52
CA VAL A 15 -15.86 -2.37 27.47
C VAL A 15 -15.11 -3.64 27.12
N THR A 16 -15.12 -3.99 25.84
CA THR A 16 -14.39 -5.16 25.38
C THR A 16 -13.21 -4.72 24.53
N ILE A 17 -12.00 -5.00 24.99
CA ILE A 17 -10.83 -4.62 24.23
C ILE A 17 -10.27 -5.92 23.67
N HIS A 18 -10.35 -6.08 22.34
CA HIS A 18 -9.85 -7.26 21.67
C HIS A 18 -8.36 -7.22 21.49
N GLU A 19 -7.72 -8.36 21.59
CA GLU A 19 -6.28 -8.44 21.41
C GLU A 19 -5.95 -8.08 19.98
N VAL A 20 -4.78 -7.46 19.76
CA VAL A 20 -4.40 -7.06 18.42
C VAL A 20 -4.46 -8.25 17.43
N GLN A 21 -4.95 -7.99 16.23
CA GLN A 21 -5.07 -9.02 15.20
C GLN A 21 -4.29 -8.63 13.99
N LYS A 22 -3.67 -9.60 13.34
CA LYS A 22 -2.93 -9.26 12.14
C LYS A 22 -3.67 -9.57 10.85
N VAL A 23 -3.42 -8.76 9.84
CA VAL A 23 -3.98 -8.93 8.51
C VAL A 23 -3.10 -10.07 7.98
N ILE A 24 -3.72 -11.15 7.54
CA ILE A 24 -2.99 -12.29 7.05
C ILE A 24 -2.93 -12.37 5.52
N LYS A 25 -3.94 -11.82 4.85
CA LYS A 25 -3.98 -11.85 3.40
C LYS A 25 -4.84 -10.69 2.95
N ASP A 27 -6.10 -9.46 -0.60
CA ASP A 27 -7.26 -9.58 -1.51
C ASP A 27 -7.91 -10.96 -1.43
N THR A 28 -9.16 -10.99 -0.97
CA THR A 28 -9.85 -12.25 -0.82
C THR A 28 -11.35 -12.20 -1.04
N GLU A 29 -11.87 -13.17 -1.76
CA GLU A 29 -13.31 -13.29 -2.02
C GLU A 29 -13.74 -14.54 -1.25
N THR A 30 -12.97 -15.61 -1.46
CA THR A 30 -13.18 -16.90 -0.82
C THR A 30 -14.23 -16.87 0.30
N THR A 37 -8.76 -20.24 13.55
CA THR A 37 -7.79 -19.20 13.92
C THR A 37 -7.77 -18.05 12.93
N ILE A 38 -8.39 -18.24 11.78
CA ILE A 38 -8.41 -17.21 10.75
C ILE A 38 -9.81 -16.67 10.44
N SER A 39 -9.92 -15.36 10.34
CA SER A 39 -11.20 -14.73 10.03
C SER A 39 -11.17 -14.38 8.55
N ASN A 40 -12.26 -14.68 7.87
CA ASN A 40 -12.37 -14.41 6.45
C ASN A 40 -13.45 -13.36 6.24
N ILE A 41 -13.04 -12.15 5.90
CA ILE A 41 -14.00 -11.08 5.65
C ILE A 41 -13.92 -10.86 4.14
N PRO A 42 -14.86 -11.46 3.39
CA PRO A 42 -14.88 -11.33 1.93
C PRO A 42 -14.80 -9.91 1.41
N ARG A 43 -13.97 -9.72 0.40
CA ARG A 43 -13.75 -8.44 -0.22
C ARG A 43 -15.04 -7.65 -0.43
N GLU A 44 -16.10 -8.35 -0.82
CA GLU A 44 -17.37 -7.70 -1.11
C GLU A 44 -18.16 -7.17 0.07
N LYS A 45 -18.06 -7.83 1.20
CA LYS A 45 -18.76 -7.37 2.39
C LYS A 45 -18.10 -6.06 2.83
N ILE A 46 -16.79 -5.95 2.58
CA ILE A 46 -16.02 -4.76 2.89
C ILE A 46 -16.40 -3.57 2.02
N TYR A 47 -16.67 -3.82 0.74
CA TYR A 47 -17.06 -2.75 -0.18
C TYR A 47 -18.47 -2.25 0.07
N ASP A 48 -19.30 -3.09 0.68
CA ASP A 48 -20.65 -2.68 0.99
C ASP A 48 -20.58 -1.70 2.15
N LEU A 49 -19.81 -2.06 3.16
CA LEU A 49 -19.68 -1.18 4.31
C LEU A 49 -18.98 0.12 3.91
N LEU A 50 -18.01 0.00 3.03
CA LEU A 50 -17.27 1.16 2.57
C LEU A 50 -18.16 2.31 2.15
N GLY A 51 -19.26 2.00 1.47
CA GLY A 51 -20.18 3.04 1.00
C GLY A 51 -20.91 3.78 2.10
N LYS A 52 -20.82 3.28 3.33
CA LYS A 52 -21.50 3.91 4.44
C LYS A 52 -20.50 4.55 5.38
N ALA A 54 -17.70 7.46 6.05
CA ALA A 54 -17.14 8.72 5.62
C ALA A 54 -15.66 8.67 6.06
N VAL A 55 -14.74 9.06 5.18
CA VAL A 55 -13.34 9.05 5.55
C VAL A 55 -13.00 10.49 5.79
N ILE A 56 -12.80 10.83 7.06
CA ILE A 56 -12.52 12.22 7.42
C ILE A 56 -11.04 12.52 7.44
N VAL A 57 -10.66 13.59 6.74
CA VAL A 57 -9.27 13.98 6.65
C VAL A 57 -9.07 15.42 7.15
N PRO A 58 -8.71 15.59 8.44
CA PRO A 58 -8.46 16.90 9.07
C PRO A 58 -7.09 17.30 8.59
N LYS A 60 -3.92 20.45 7.58
CA LYS A 60 -3.40 21.78 7.85
C LYS A 60 -2.03 21.92 7.22
N ASN A 61 -1.95 22.66 6.13
CA ASN A 61 -0.71 22.93 5.40
C ASN A 61 0.16 21.75 4.98
N GLU A 62 -0.47 20.62 4.66
CA GLU A 62 0.27 19.43 4.23
C GLU A 62 0.73 19.64 2.81
N LYS A 63 1.72 18.87 2.38
CA LYS A 63 2.19 19.01 1.01
C LYS A 63 1.16 18.48 0.02
N LEU A 64 0.92 19.25 -1.01
CA LEU A 64 -0.06 18.90 -2.01
C LEU A 64 0.09 17.56 -2.70
N HIS A 65 1.33 17.16 -2.99
CA HIS A 65 1.55 15.90 -3.66
C HIS A 65 1.25 14.71 -2.73
N LEU A 66 1.34 14.93 -1.42
CA LEU A 66 1.05 13.83 -0.50
C LEU A 66 -0.47 13.72 -0.29
N VAL A 67 -1.15 14.86 -0.26
CA VAL A 67 -2.58 14.92 -0.09
C VAL A 67 -3.19 14.24 -1.31
N ASP A 68 -2.60 14.56 -2.47
CA ASP A 68 -3.04 14.01 -3.75
C ASP A 68 -2.98 12.49 -3.77
N GLY A 69 -1.90 11.94 -3.20
CA GLY A 69 -1.77 10.49 -3.19
C GLY A 69 -2.74 9.84 -2.24
N VAL A 70 -2.98 10.47 -1.11
CA VAL A 70 -3.89 9.91 -0.15
C VAL A 70 -5.29 9.85 -0.77
N LEU A 71 -5.70 10.95 -1.40
CA LEU A 71 -7.01 11.05 -2.05
C LEU A 71 -7.15 9.96 -3.14
N LYS A 72 -6.10 9.79 -3.93
CA LYS A 72 -6.16 8.80 -4.97
C LYS A 72 -6.25 7.36 -4.45
N ALA A 73 -5.87 7.14 -3.19
CA ALA A 73 -5.90 5.79 -2.62
C ALA A 73 -7.18 5.42 -1.87
N ILE A 74 -7.97 6.43 -1.52
CA ILE A 74 -9.22 6.15 -0.82
C ILE A 74 -10.19 5.49 -1.79
N PRO A 75 -10.79 4.36 -1.39
CA PRO A 75 -11.73 3.64 -2.25
C PRO A 75 -12.82 4.58 -2.80
N HIS A 76 -12.98 4.60 -4.12
CA HIS A 76 -13.97 5.46 -4.76
C HIS A 76 -15.33 5.48 -4.05
N LYS A 77 -15.73 4.33 -3.54
CA LYS A 77 -17.00 4.24 -2.87
C LYS A 77 -17.13 5.02 -1.57
N CYS A 78 -16.02 5.36 -0.93
CA CYS A 78 -16.06 6.11 0.33
C CYS A 78 -16.24 7.61 0.15
N PRO A 79 -17.20 8.22 0.84
CA PRO A 79 -17.32 9.66 0.66
C PRO A 79 -16.15 10.27 1.45
N ILE A 80 -15.58 11.35 0.93
CA ILE A 80 -14.44 11.99 1.58
C ILE A 80 -14.76 13.35 2.15
N ILE A 81 -14.48 13.52 3.44
CA ILE A 81 -14.72 14.80 4.08
C ILE A 81 -13.39 15.44 4.51
N ILE A 82 -13.07 16.58 3.93
CA ILE A 82 -11.83 17.26 4.28
C ILE A 82 -12.09 18.53 5.09
N VAL A 83 -11.45 18.63 6.25
CA VAL A 83 -11.58 19.82 7.06
C VAL A 83 -10.18 20.42 7.11
N SER A 84 -10.00 21.48 6.34
CA SER A 84 -8.72 22.16 6.21
C SER A 84 -8.59 23.34 7.14
N ASN A 85 -7.46 23.44 7.82
CA ASN A 85 -7.25 24.61 8.66
C ASN A 85 -5.96 25.24 8.18
N SER A 86 -5.74 25.15 6.88
CA SER A 86 -4.55 25.67 6.23
C SER A 86 -4.53 27.17 6.14
N LYS A 87 -3.35 27.71 5.83
CA LYS A 87 -3.18 29.13 5.67
C LYS A 87 -4.10 29.77 4.66
N ARG A 88 -4.54 30.99 4.98
CA ARG A 88 -5.44 31.73 4.12
C ARG A 88 -4.79 32.94 3.47
N GLU A 89 -3.46 33.02 3.54
CA GLU A 89 -2.74 34.13 2.91
C GLU A 89 -1.26 34.09 3.14
N GLY A 90 -0.52 34.63 2.18
CA GLY A 90 0.91 34.62 2.27
C GLY A 90 1.42 33.19 2.31
N PRO A 91 0.88 32.30 1.46
CA PRO A 91 -0.15 32.58 0.46
C PRO A 91 -1.41 31.84 0.91
N ASN A 92 -2.55 32.14 0.30
CA ASN A 92 -3.79 31.47 0.65
C ASN A 92 -3.70 30.00 0.18
N ARG A 93 -3.29 29.07 1.05
CA ARG A 93 -3.18 27.70 0.57
C ARG A 93 -4.44 26.85 0.62
N TYR A 94 -5.50 27.39 1.21
CA TYR A 94 -6.77 26.69 1.19
C TYR A 94 -7.12 26.74 -0.29
N LYS A 95 -6.76 27.87 -0.90
CA LYS A 95 -7.01 28.08 -2.31
C LYS A 95 -6.26 27.07 -3.16
N LEU A 96 -5.05 26.70 -2.75
CA LEU A 96 -4.27 25.72 -3.50
C LEU A 96 -4.93 24.37 -3.36
N GLU A 97 -5.53 24.12 -2.20
CA GLU A 97 -6.19 22.85 -1.92
C GLU A 97 -7.51 22.72 -2.69
N VAL A 98 -8.22 23.84 -2.80
CA VAL A 98 -9.46 23.90 -3.54
C VAL A 98 -9.16 23.50 -4.98
N ASP A 99 -8.08 24.01 -5.53
CA ASP A 99 -7.69 23.68 -6.90
C ASP A 99 -7.37 22.20 -7.04
N LEU A 100 -6.55 21.67 -6.14
CA LEU A 100 -6.22 20.27 -6.20
C LEU A 100 -7.51 19.43 -6.12
N ILE A 101 -8.40 19.80 -5.20
CA ILE A 101 -9.62 19.03 -5.02
C ILE A 101 -10.52 18.99 -6.25
N ARG A 102 -10.60 20.10 -6.99
CA ARG A 102 -11.41 20.14 -8.21
C ARG A 102 -10.77 19.35 -9.33
N HIS A 103 -9.45 19.47 -9.46
CA HIS A 103 -8.74 18.75 -10.50
C HIS A 103 -8.99 17.29 -10.20
N PHE A 104 -8.81 16.94 -8.93
CA PHE A 104 -9.02 15.57 -8.50
C PHE A 104 -10.43 15.11 -8.83
N TYR A 105 -11.39 15.97 -8.54
CA TYR A 105 -12.77 15.62 -8.80
C TYR A 105 -13.05 15.46 -10.30
N ASN A 106 -12.43 16.30 -11.12
CA ASN A 106 -12.64 16.23 -12.55
C ASN A 106 -12.05 14.98 -13.19
N LEU A 107 -11.03 14.41 -12.54
CA LEU A 107 -10.36 13.22 -13.01
C LEU A 107 -10.94 11.93 -12.44
N THR A 108 -11.59 12.04 -11.27
CA THR A 108 -12.10 10.85 -10.59
C THR A 108 -13.57 10.77 -10.21
N HIS A 109 -14.24 11.92 -10.13
CA HIS A 109 -15.64 11.98 -9.70
C HIS A 109 -15.87 11.37 -8.36
N SER A 110 -14.89 11.57 -7.48
CA SER A 110 -14.96 11.07 -6.12
C SER A 110 -15.99 11.96 -5.42
N LYS A 111 -16.75 11.39 -4.49
CA LYS A 111 -17.75 12.17 -3.76
C LYS A 111 -17.00 12.85 -2.63
N ILE A 112 -17.01 14.16 -2.63
CA ILE A 112 -16.22 14.86 -1.63
C ILE A 112 -16.76 16.21 -1.16
N ILE A 113 -16.56 16.47 0.13
CA ILE A 113 -16.95 17.71 0.77
C ILE A 113 -15.70 18.28 1.41
N ILE A 115 -14.24 21.96 3.57
CA ILE A 115 -14.61 23.22 4.18
C ILE A 115 -13.40 23.69 4.95
N HIS A 116 -13.28 24.99 5.16
CA HIS A 116 -12.16 25.47 5.93
C HIS A 116 -12.65 25.63 7.35
N GLN A 117 -11.83 25.25 8.31
CA GLN A 117 -12.17 25.33 9.72
C GLN A 117 -12.51 26.75 10.19
N LYS A 118 -11.89 27.76 9.59
CA LYS A 118 -12.15 29.14 10.01
C LYS A 118 -13.34 29.79 9.30
N ASP A 119 -14.09 28.99 8.55
CA ASP A 119 -15.24 29.52 7.85
C ASP A 119 -16.17 30.16 8.88
N PRO A 120 -16.43 31.47 8.77
CA PRO A 120 -17.32 32.11 9.73
C PRO A 120 -18.76 31.58 9.69
N GLY A 121 -19.14 31.00 8.56
CA GLY A 121 -20.48 30.46 8.44
C GLY A 121 -20.55 29.15 9.21
N LEU A 122 -19.36 28.66 9.57
CA LEU A 122 -19.27 27.42 10.31
C LEU A 122 -19.38 27.74 11.79
N ALA A 123 -18.69 28.78 12.22
CA ALA A 123 -18.72 29.18 13.61
C ALA A 123 -20.12 29.65 13.99
N LYS A 124 -20.84 30.13 12.99
CA LYS A 124 -22.20 30.64 13.18
C LYS A 124 -23.19 29.54 13.50
N ALA A 125 -23.02 28.40 12.85
CA ALA A 125 -23.90 27.25 13.06
C ALA A 125 -23.75 26.71 14.48
N PHE A 126 -22.52 26.66 14.95
CA PHE A 126 -22.25 26.17 16.30
C PHE A 126 -22.84 27.03 17.41
N LYS A 127 -22.87 28.34 17.20
CA LYS A 127 -23.44 29.25 18.19
C LYS A 127 -24.94 29.15 18.20
N GLU A 128 -25.53 29.45 17.06
CA GLU A 128 -26.98 29.44 16.97
C GLU A 128 -27.61 28.10 17.37
N VAL A 129 -26.76 27.09 17.54
CA VAL A 129 -27.23 25.77 17.93
C VAL A 129 -26.96 25.50 19.41
N GLY A 130 -26.19 26.39 20.04
CA GLY A 130 -25.90 26.26 21.45
C GLY A 130 -24.58 25.59 21.77
N TYR A 131 -23.92 25.05 20.76
CA TYR A 131 -22.66 24.35 20.97
C TYR A 131 -21.48 25.30 20.91
N THR A 132 -21.05 25.80 22.06
CA THR A 132 -19.95 26.76 22.21
C THR A 132 -18.59 26.15 22.49
N ASP A 133 -18.55 24.88 22.87
CA ASP A 133 -17.31 24.17 23.23
C ASP A 133 -16.15 24.25 22.24
N ILE A 134 -16.46 24.52 20.99
CA ILE A 134 -15.46 24.56 19.93
C ILE A 134 -14.93 25.93 19.50
N LEU A 135 -15.53 27.01 20.01
CA LEU A 135 -15.11 28.35 19.63
C LEU A 135 -14.23 28.96 20.72
N ASP A 136 -13.49 30.02 20.37
CA ASP A 136 -12.63 30.74 21.32
C ASP A 136 -13.35 32.00 21.87
N GLU A 137 -12.66 33.13 21.94
CA GLU A 137 -13.31 34.35 22.44
C GLU A 137 -13.99 34.99 21.24
N ASN A 138 -13.17 35.38 20.28
CA ASN A 138 -13.64 36.01 19.05
C ASN A 138 -14.91 35.30 18.55
N GLY A 139 -15.12 34.06 18.99
CA GLY A 139 -16.29 33.32 18.58
C GLY A 139 -16.07 32.53 17.32
N ILE A 141 -14.13 29.22 15.22
CA ILE A 141 -13.80 27.85 15.57
C ILE A 141 -12.32 27.87 15.87
N ARG A 142 -11.96 27.32 17.02
CA ARG A 142 -10.59 27.27 17.48
C ARG A 142 -9.76 26.37 16.56
N SER A 143 -8.49 26.72 16.41
CA SER A 143 -7.56 25.98 15.59
C SER A 143 -7.32 24.69 16.37
N GLY A 144 -7.09 23.57 15.69
CA GLY A 144 -6.85 22.33 16.40
C GLY A 144 -7.34 21.13 15.63
N LYS A 145 -6.82 19.95 15.95
CA LYS A 145 -7.22 18.74 15.23
C LYS A 145 -8.54 18.14 15.75
N GLY A 146 -8.82 18.30 17.02
CA GLY A 146 -10.05 17.75 17.54
C GLY A 146 -11.26 18.48 16.96
N GLU A 147 -11.14 19.80 16.88
CA GLU A 147 -12.19 20.66 16.35
C GLU A 147 -12.41 20.30 14.87
N GLY A 148 -11.31 20.09 14.15
CA GLY A 148 -11.42 19.72 12.76
C GLY A 148 -12.19 18.42 12.68
N LEU A 150 -14.31 17.24 14.79
CA LEU A 150 -15.68 17.49 15.18
C LEU A 150 -16.51 17.99 14.00
N VAL A 151 -15.93 18.90 13.24
CA VAL A 151 -16.60 19.43 12.08
C VAL A 151 -16.85 18.35 11.03
N GLY A 152 -15.82 17.54 10.81
CA GLY A 152 -15.91 16.48 9.85
C GLY A 152 -16.94 15.49 10.29
N LEU A 153 -16.97 15.26 11.58
CA LEU A 153 -17.92 14.36 12.19
C LEU A 153 -19.39 14.79 11.99
N LEU A 154 -19.68 16.08 12.17
CA LEU A 154 -21.04 16.55 12.02
C LEU A 154 -21.42 16.54 10.55
N LEU A 155 -20.46 16.83 9.69
CA LEU A 155 -20.69 16.85 8.26
C LEU A 155 -21.03 15.41 7.86
N ALA A 156 -20.27 14.49 8.44
CA ALA A 156 -20.44 13.08 8.15
C ALA A 156 -21.85 12.69 8.56
N LYS A 157 -22.27 13.16 9.73
CA LYS A 157 -23.60 12.85 10.20
C LYS A 157 -24.64 13.47 9.26
N ALA A 158 -24.38 14.69 8.80
CA ALA A 158 -25.29 15.38 7.89
C ALA A 158 -25.53 14.65 6.55
N ILE A 159 -24.60 13.81 6.12
CA ILE A 159 -24.77 13.08 4.87
C ILE A 159 -25.21 11.63 5.11
N GLY A 160 -25.45 11.30 6.37
CA GLY A 160 -25.91 9.97 6.71
C GLY A 160 -24.88 8.88 6.86
N ALA A 161 -23.64 9.25 7.14
CA ALA A 161 -22.59 8.25 7.30
C ALA A 161 -22.97 7.44 8.51
N GLU A 162 -22.63 6.17 8.49
CA GLU A 162 -22.93 5.24 9.56
C GLU A 162 -21.61 4.97 10.30
N TYR A 163 -20.51 5.07 9.55
CA TYR A 163 -19.18 4.86 10.11
C TYR A 163 -18.31 6.01 9.68
N VAL A 164 -17.29 6.30 10.48
CA VAL A 164 -16.34 7.36 10.15
C VAL A 164 -14.92 6.86 10.38
N GLY A 165 -14.05 7.07 9.41
CA GLY A 165 -12.68 6.64 9.56
C GLY A 165 -11.77 7.85 9.46
N PHE A 166 -10.73 7.93 10.29
CA PHE A 166 -9.82 9.08 10.21
C PHE A 166 -8.51 8.73 9.51
N VAL A 167 -8.07 9.58 8.61
CA VAL A 167 -6.83 9.31 7.91
C VAL A 167 -6.01 10.58 7.84
N ASP A 168 -4.68 10.47 7.95
CA ASP A 168 -3.86 11.67 7.83
C ASP A 168 -3.38 11.88 6.39
N ALA A 169 -3.51 13.11 5.92
CA ALA A 169 -3.15 13.47 4.56
C ALA A 169 -1.65 13.53 4.22
N ASP A 170 -0.78 13.22 5.17
CA ASP A 170 0.64 13.30 4.88
C ASP A 170 1.32 11.94 4.88
N ASN A 171 0.60 10.92 4.45
CA ASN A 171 1.16 9.57 4.39
C ASN A 171 2.00 9.49 3.13
N TYR A 172 3.14 8.82 3.19
CA TYR A 172 3.98 8.67 2.02
C TYR A 172 3.54 7.47 1.20
N ILE A 173 2.74 6.61 1.82
CA ILE A 173 2.29 5.39 1.17
C ILE A 173 0.80 5.35 0.91
N PRO A 174 0.36 5.81 -0.27
CA PRO A 174 -1.04 5.83 -0.66
C PRO A 174 -1.68 4.48 -0.36
N GLY A 175 -0.98 3.42 -0.78
CA GLY A 175 -1.48 2.08 -0.54
C GLY A 175 -1.81 1.77 0.89
N ALA A 176 -1.08 2.37 1.84
CA ALA A 176 -1.39 2.14 3.24
C ALA A 176 -2.73 2.76 3.59
N VAL A 177 -3.03 3.92 2.99
CA VAL A 177 -4.30 4.57 3.29
C VAL A 177 -5.43 3.70 2.77
N ASN A 178 -5.18 3.08 1.64
CA ASN A 178 -6.14 2.22 1.03
C ASN A 178 -6.39 1.02 1.92
N GLU A 179 -5.36 0.57 2.64
CA GLU A 179 -5.52 -0.58 3.53
C GLU A 179 -6.19 -0.20 4.84
N TYR A 180 -5.93 1.00 5.31
CA TYR A 180 -6.52 1.49 6.55
C TYR A 180 -8.04 1.45 6.49
N VAL A 181 -8.57 2.00 5.42
CA VAL A 181 -10.00 2.08 5.21
C VAL A 181 -10.62 0.68 5.17
N LYS A 182 -9.95 -0.22 4.47
CA LYS A 182 -10.38 -1.59 4.38
C LYS A 182 -10.23 -2.31 5.73
N ASP A 183 -9.17 -1.98 6.48
CA ASP A 183 -8.98 -2.58 7.81
C ASP A 183 -10.04 -2.07 8.79
N TYR A 184 -10.51 -0.84 8.57
CA TYR A 184 -11.57 -0.29 9.41
C TYR A 184 -12.83 -1.14 9.22
N ALA A 185 -13.21 -1.31 7.96
CA ALA A 185 -14.37 -2.09 7.56
C ALA A 185 -14.28 -3.48 8.16
N ALA A 186 -13.10 -4.07 8.09
CA ALA A 186 -12.86 -5.40 8.62
C ALA A 186 -13.14 -5.44 10.12
N GLY A 187 -12.69 -4.41 10.82
CA GLY A 187 -12.91 -4.34 12.24
C GLY A 187 -14.41 -4.27 12.50
N PHE A 188 -15.11 -3.40 11.79
CA PHE A 188 -16.56 -3.28 12.00
C PHE A 188 -17.31 -4.57 11.65
N LEU A 189 -16.91 -5.25 10.57
CA LEU A 189 -17.57 -6.50 10.15
C LEU A 189 -17.34 -7.67 11.09
N SER A 191 -17.38 -7.09 14.30
CA SER A 191 -17.98 -6.57 15.51
C SER A 191 -19.40 -7.09 15.73
N GLU A 192 -19.79 -7.22 16.99
CA GLU A 192 -21.14 -7.66 17.31
C GLU A 192 -21.90 -6.52 18.01
N SER A 193 -21.37 -5.29 17.93
CA SER A 193 -22.00 -4.16 18.59
C SER A 193 -22.06 -2.89 17.74
N GLU A 194 -23.17 -2.17 17.83
CA GLU A 194 -23.32 -0.94 17.08
C GLU A 194 -22.40 0.15 17.60
N TYR A 195 -21.75 -0.10 18.74
CA TYR A 195 -20.81 0.84 19.36
C TYR A 195 -19.44 0.22 19.23
N THR A 196 -18.79 0.43 18.10
CA THR A 196 -17.47 -0.14 17.83
C THR A 196 -16.40 0.82 17.36
N VAL A 198 -12.30 0.92 15.82
CA VAL A 198 -11.22 0.14 15.24
C VAL A 198 -9.97 1.02 15.22
N ARG A 199 -8.89 0.51 15.80
CA ARG A 199 -7.66 1.28 15.86
C ARG A 199 -6.53 0.52 15.21
N LEU A 200 -5.85 1.14 14.26
CA LEU A 200 -4.75 0.47 13.56
C LEU A 200 -3.43 0.49 14.29
N HIS A 201 -2.63 -0.53 14.04
CA HIS A 201 -1.34 -0.67 14.66
C HIS A 201 -0.28 -1.24 13.72
N TRP A 202 0.96 -0.78 13.94
CA TRP A 202 2.14 -1.22 13.20
C TRP A 202 3.25 -1.22 14.23
N ARG A 220 8.86 5.18 20.05
CA ARG A 220 8.64 4.53 21.33
C ARG A 220 7.74 5.34 22.26
N VAL A 221 7.12 6.38 21.72
CA VAL A 221 6.21 7.22 22.48
C VAL A 221 4.91 6.47 22.79
N SER A 222 4.43 5.69 21.82
CA SER A 222 3.20 4.92 21.99
C SER A 222 3.38 3.74 22.94
N GLU A 223 4.61 3.32 23.14
CA GLU A 223 4.86 2.25 24.08
C GLU A 223 4.76 2.75 25.51
N ILE A 224 5.00 4.04 25.72
CA ILE A 224 4.89 4.63 27.06
C ILE A 224 3.41 4.92 27.33
N THR A 225 2.71 5.38 26.30
CA THR A 225 1.28 5.65 26.43
C THR A 225 0.57 4.31 26.63
N ASN A 226 1.00 3.29 25.90
CA ASN A 226 0.39 1.98 26.05
C ASN A 226 0.71 1.45 27.42
N HIS A 227 1.94 1.66 27.87
CA HIS A 227 2.31 1.17 29.18
C HIS A 227 1.39 1.73 30.28
N TYR A 228 1.17 3.04 30.28
CA TYR A 228 0.32 3.69 31.30
C TYR A 228 -1.17 3.46 31.14
N LEU A 229 -1.62 3.27 29.91
CA LEU A 229 -3.04 2.99 29.67
C LEU A 229 -3.37 1.64 30.32
N ASN A 230 -2.56 0.63 30.03
CA ASN A 230 -2.80 -0.67 30.60
C ASN A 230 -2.66 -0.60 32.13
N LEU A 231 -1.70 0.20 32.57
CA LEU A 231 -1.44 0.38 34.00
C LEU A 231 -2.66 1.04 34.65
N LEU A 232 -3.29 1.95 33.90
CA LEU A 232 -4.49 2.65 34.39
C LEU A 232 -5.53 1.62 34.81
N VAL A 233 -5.45 0.46 34.16
CA VAL A 233 -6.37 -0.65 34.39
C VAL A 233 -5.81 -1.67 35.34
N SER A 234 -4.53 -2.00 35.17
CA SER A 234 -3.93 -2.99 36.05
C SER A 234 -4.04 -2.54 37.52
N GLU A 235 -4.05 -1.22 37.75
CA GLU A 235 -4.19 -0.62 39.09
C GLU A 235 -5.52 -1.00 39.73
N HIS A 236 -6.53 -1.30 38.92
CA HIS A 236 -7.83 -1.70 39.47
C HIS A 236 -8.05 -3.23 39.44
N THR A 237 -7.61 -3.90 38.39
CA THR A 237 -7.79 -5.33 38.32
C THR A 237 -6.76 -6.05 39.20
N ALA A 238 -5.57 -5.44 39.33
CA ALA A 238 -4.46 -6.01 40.10
C ALA A 238 -3.71 -7.03 39.25
N PHE A 239 -3.96 -7.02 37.95
CA PHE A 239 -3.31 -7.95 37.04
C PHE A 239 -2.74 -7.17 35.89
N GLU A 240 -1.42 -7.19 35.72
CA GLU A 240 -0.80 -6.45 34.64
C GLU A 240 -1.28 -6.93 33.29
N THR A 241 -1.65 -5.99 32.43
CA THR A 241 -2.09 -6.33 31.10
C THR A 241 -1.30 -5.56 30.00
N THR A 242 -1.27 -6.11 28.78
CA THR A 242 -0.62 -5.49 27.63
C THR A 242 -1.67 -5.50 26.51
N ILE A 243 -2.92 -5.70 26.88
CA ILE A 243 -4.01 -5.76 25.90
C ILE A 243 -4.09 -4.54 24.97
N VAL A 245 -2.65 -1.68 22.81
CA VAL A 245 -1.44 -1.40 22.05
C VAL A 245 -1.59 -0.31 20.97
N THR A 246 -2.68 0.43 21.00
CA THR A 246 -2.98 1.47 20.01
C THR A 246 -3.41 2.79 20.66
N GLY A 247 -2.73 3.16 21.74
CA GLY A 247 -3.07 4.37 22.47
C GLY A 247 -2.86 5.69 21.78
N ASN A 248 -2.02 5.69 20.74
CA ASN A 248 -1.74 6.88 19.98
C ASN A 248 -2.13 6.62 18.54
N ALA A 249 -3.02 5.65 18.34
CA ALA A 249 -3.47 5.28 16.99
C ALA A 249 -4.23 6.40 16.26
N GLY A 250 -3.52 7.20 15.47
CA GLY A 250 -4.19 8.26 14.73
C GLY A 250 -5.15 7.64 13.75
N GLU A 251 -4.71 6.56 13.12
CA GLU A 251 -5.56 5.85 12.18
C GLU A 251 -6.59 5.03 12.96
N HIS A 252 -7.80 5.53 13.06
CA HIS A 252 -8.84 4.79 13.75
C HIS A 252 -10.19 5.11 13.14
N ALA A 253 -11.19 4.35 13.53
CA ALA A 253 -12.52 4.56 13.01
C ALA A 253 -13.55 4.12 14.03
N THR A 255 -18.16 3.77 14.80
CA THR A 255 -19.52 3.80 14.27
C THR A 255 -20.03 5.20 14.65
N LYS A 257 -22.69 6.04 15.89
CA LYS A 257 -23.37 5.94 17.18
C LYS A 257 -22.42 6.13 18.36
N LEU A 258 -21.21 5.61 18.22
CA LEU A 258 -20.22 5.75 19.25
C LEU A 258 -19.52 7.11 19.21
N ALA A 259 -19.21 7.59 18.03
CA ALA A 259 -18.50 8.87 17.90
C ALA A 259 -19.34 10.02 18.45
N GLU A 260 -20.63 9.91 18.20
CA GLU A 260 -21.70 10.82 18.56
C GLU A 260 -21.87 11.09 20.06
N ILE A 261 -21.46 10.14 20.88
CA ILE A 261 -21.61 10.28 22.33
C ILE A 261 -20.31 10.45 23.04
N LEU A 262 -19.24 10.65 22.31
CA LEU A 262 -17.94 10.82 22.97
C LEU A 262 -17.42 12.24 23.08
N PRO A 263 -16.94 12.60 24.27
CA PRO A 263 -16.40 13.95 24.43
C PRO A 263 -15.08 13.84 23.67
N PHE A 264 -14.65 14.89 22.99
CA PHE A 264 -13.39 14.83 22.25
C PHE A 264 -12.41 15.86 22.78
N SER A 265 -11.14 15.53 22.74
CA SER A 265 -10.09 16.42 23.20
C SER A 265 -9.47 16.94 21.91
N THR A 266 -8.23 17.43 21.97
CA THR A 266 -7.58 17.90 20.76
C THR A 266 -6.08 17.65 20.82
N GLY A 267 -5.33 18.16 19.86
CA GLY A 267 -3.90 17.95 19.88
C GLY A 267 -3.53 16.47 19.96
N TYR A 268 -2.49 16.17 20.73
CA TYR A 268 -2.02 14.80 20.90
C TYR A 268 -2.78 14.01 21.93
N SER A 269 -3.76 14.64 22.57
CA SER A 269 -4.56 13.98 23.60
C SER A 269 -5.73 13.20 23.04
N ILE A 270 -6.12 13.49 21.81
CA ILE A 270 -7.27 12.86 21.17
C ILE A 270 -7.35 11.34 21.31
N GLU A 271 -6.36 10.66 20.75
CA GLU A 271 -6.35 9.20 20.76
C GLU A 271 -6.31 8.58 22.14
N PRO A 272 -5.33 8.96 22.98
CA PRO A 272 -5.33 8.34 24.31
C PRO A 272 -6.57 8.71 25.11
N TYR A 273 -7.06 9.93 24.92
CA TYR A 273 -8.25 10.34 25.67
C TYR A 273 -9.50 9.54 25.33
N GLU A 274 -9.65 9.11 24.07
CA GLU A 274 -10.81 8.32 23.70
C GLU A 274 -10.86 7.07 24.60
N ILE A 275 -9.70 6.44 24.77
CA ILE A 275 -9.54 5.25 25.59
C ILE A 275 -9.82 5.53 27.06
N VAL A 276 -9.20 6.59 27.60
CA VAL A 276 -9.41 6.94 29.01
C VAL A 276 -10.87 7.23 29.31
N TYR A 277 -11.53 7.97 28.44
CA TYR A 277 -12.93 8.30 28.71
C TYR A 277 -13.80 7.07 28.60
N ILE A 278 -13.60 6.26 27.56
CA ILE A 278 -14.43 5.06 27.42
C ILE A 278 -14.27 4.16 28.66
N LEU A 279 -13.04 4.11 29.19
CA LEU A 279 -12.79 3.28 30.37
C LEU A 279 -13.47 3.87 31.60
N GLU A 280 -13.38 5.18 31.82
CA GLU A 280 -14.04 5.68 33.02
C GLU A 280 -15.58 5.82 32.93
N ARG A 281 -16.16 5.90 31.74
CA ARG A 281 -17.60 5.99 31.72
C ARG A 281 -18.29 4.63 31.62
N PHE A 282 -17.65 3.68 30.96
CA PHE A 282 -18.28 2.39 30.81
C PHE A 282 -17.44 1.27 31.41
N GLY A 283 -16.28 1.63 31.97
CA GLY A 283 -15.42 0.64 32.61
C GLY A 283 -16.18 -0.02 33.76
N LYS A 284 -17.37 0.51 34.05
CA LYS A 284 -18.21 -0.05 35.10
C LYS A 284 -19.63 0.46 35.15
N TRP A 285 -20.52 -0.46 35.45
CA TRP A 285 -21.93 -0.15 35.52
C TRP A 285 -22.29 0.97 36.47
N GLU A 286 -22.99 1.97 35.96
CA GLU A 286 -23.46 3.09 36.77
C GLU A 286 -24.12 4.09 35.84
N ASN A 287 -25.13 4.80 36.35
CA ASN A 287 -25.96 5.70 35.55
C ASN A 287 -26.14 5.06 34.18
N VAL A 288 -26.46 3.78 34.24
CA VAL A 288 -26.69 2.97 33.08
C VAL A 288 -27.87 3.59 32.30
N GLU A 289 -28.75 4.30 32.99
CA GLU A 289 -29.89 4.89 32.31
C GLU A 289 -29.47 5.96 31.32
N GLU A 290 -28.44 6.71 31.68
CA GLU A 290 -27.94 7.77 30.81
C GLU A 290 -27.53 7.19 29.44
N PHE A 291 -27.01 5.98 29.44
CA PHE A 291 -26.57 5.31 28.22
C PHE A 291 -27.02 3.85 28.23
N LYS A 292 -28.31 3.62 28.50
CA LYS A 292 -28.76 2.23 28.59
C LYS A 292 -28.53 1.36 27.37
N ASP A 293 -28.61 1.90 26.16
CA ASP A 293 -28.36 1.06 25.00
C ASP A 293 -26.86 0.69 24.89
N VAL A 294 -26.00 1.64 25.21
CA VAL A 294 -24.57 1.41 25.18
C VAL A 294 -24.19 0.30 26.16
N PHE A 295 -24.69 0.38 27.39
CA PHE A 295 -24.40 -0.65 28.39
C PHE A 295 -25.01 -1.98 27.97
N ASP A 296 -26.10 -1.91 27.21
CA ASP A 296 -26.75 -3.12 26.76
C ASP A 296 -25.96 -3.86 25.68
N GLN A 297 -25.45 -3.14 24.70
CA GLN A 297 -24.68 -3.77 23.63
C GLN A 297 -23.18 -3.81 23.92
N GLY A 298 -22.72 -2.89 24.77
CA GLY A 298 -21.30 -2.84 25.09
C GLY A 298 -20.53 -2.11 24.01
N ILE A 299 -19.32 -1.71 24.37
CA ILE A 299 -18.43 -1.01 23.46
C ILE A 299 -17.30 -1.98 23.11
N GLU A 300 -17.08 -2.20 21.82
CA GLU A 300 -16.01 -3.09 21.38
C GLU A 300 -14.91 -2.26 20.73
N ILE A 301 -13.67 -2.58 21.06
CA ILE A 301 -12.53 -1.89 20.48
C ILE A 301 -11.65 -2.94 19.80
N PHE A 302 -11.57 -2.85 18.48
CA PHE A 302 -10.74 -3.78 17.72
C PHE A 302 -9.39 -3.13 17.48
N GLN A 303 -8.33 -3.93 17.48
CA GLN A 303 -6.99 -3.42 17.25
C GLN A 303 -6.37 -4.23 16.13
N ILE A 304 -6.32 -3.65 14.94
CA ILE A 304 -5.76 -4.35 13.80
C ILE A 304 -4.35 -3.93 13.43
N GLU A 305 -3.46 -4.91 13.27
CA GLU A 305 -2.10 -4.58 12.89
C GLU A 305 -2.01 -4.60 11.37
N THR A 306 -1.74 -3.44 10.78
CA THR A 306 -1.70 -3.37 9.33
C THR A 306 -0.55 -4.13 8.72
N LEU A 307 -0.67 -4.36 7.43
CA LEU A 307 0.31 -5.09 6.69
C LEU A 307 1.40 -4.14 6.19
N ASN A 308 1.06 -2.88 5.99
CA ASN A 308 2.01 -1.86 5.54
C ASN A 308 2.65 -1.12 6.71
N PRO A 309 3.91 -0.68 6.56
CA PRO A 309 4.52 0.03 7.68
C PRO A 309 3.94 1.45 7.76
N HIS A 310 4.38 2.17 8.78
CA HIS A 310 3.95 3.55 9.07
C HIS A 310 5.04 4.55 8.69
N PHE A 311 4.89 5.22 7.56
CA PHE A 311 5.89 6.20 7.14
C PHE A 311 5.19 7.50 6.76
N HIS A 312 5.21 8.46 7.66
CA HIS A 312 4.58 9.73 7.45
C HIS A 312 5.54 10.88 7.41
N GLU A 313 5.04 12.08 7.17
CA GLU A 313 5.93 13.25 7.12
C GLU A 313 6.54 13.39 8.51
N GLY A 316 8.82 16.31 13.51
CA GLY A 316 9.75 17.01 14.35
C GLY A 316 10.21 16.20 15.54
N LYS A 317 10.57 16.84 16.67
CA LYS A 317 11.00 16.14 17.87
C LYS A 317 10.55 16.90 19.09
N GLU A 318 10.16 18.15 18.85
CA GLU A 318 9.64 18.99 19.93
C GLU A 318 8.25 18.36 20.05
N HIS A 319 7.63 18.16 18.89
CA HIS A 319 6.34 17.53 18.81
C HIS A 319 6.25 16.16 19.49
N VAL A 320 7.23 15.28 19.27
CA VAL A 320 7.19 13.93 19.83
C VAL A 320 7.05 13.90 21.34
N LYS A 321 7.63 14.88 22.00
CA LYS A 321 7.54 14.92 23.44
C LYS A 321 6.58 16.01 23.97
N GLU A 322 5.72 16.46 23.07
CA GLU A 322 4.60 17.38 23.34
C GLU A 322 3.54 16.28 23.31
N LEU A 324 4.24 13.23 24.05
CA LEU A 324 4.43 12.43 25.27
C LEU A 324 3.78 13.14 26.43
N LEU A 325 4.03 14.44 26.53
CA LEU A 325 3.46 15.26 27.59
C LEU A 325 1.94 15.23 27.58
N LEU A 326 1.32 15.31 26.42
CA LEU A 326 -0.14 15.32 26.38
C LEU A 326 -0.81 13.96 26.46
N SER A 327 -0.17 12.92 25.91
CA SER A 327 -0.75 11.58 26.00
C SER A 327 -0.88 11.21 27.46
N LEU A 328 0.22 11.40 28.19
CA LEU A 328 0.29 11.05 29.61
C LEU A 328 -0.57 11.88 30.51
N ALA A 329 -0.82 13.11 30.12
CA ALA A 329 -1.63 14.01 30.93
C ALA A 329 -3.06 13.54 30.92
N THR A 330 -3.47 12.98 29.79
CA THR A 330 -4.82 12.47 29.65
C THR A 330 -5.15 11.43 30.71
N ILE A 331 -4.17 10.57 30.97
CA ILE A 331 -4.25 9.47 31.92
C ILE A 331 -4.13 10.01 33.33
N TYR A 332 -3.10 10.80 33.57
CA TYR A 332 -2.86 11.41 34.87
C TYR A 332 -4.10 12.11 35.45
N HIS A 333 -4.88 12.77 34.60
CA HIS A 333 -6.05 13.46 35.11
C HIS A 333 -7.32 12.64 35.12
N SER A 334 -7.19 11.35 34.80
CA SER A 334 -8.33 10.44 34.77
C SER A 334 -8.80 10.12 36.17
N LYS A 335 -10.11 10.10 36.37
CA LYS A 335 -10.64 9.77 37.69
C LYS A 335 -10.38 8.30 38.03
N LEU A 336 -9.75 7.59 37.11
CA LEU A 336 -9.41 6.19 37.30
C LEU A 336 -7.98 6.09 37.78
N ALA A 337 -7.26 7.20 37.68
CA ALA A 337 -5.87 7.21 38.14
C ALA A 337 -5.78 7.03 39.66
N THR A 338 -4.63 6.57 40.12
CA THR A 338 -4.36 6.37 41.53
C THR A 338 -3.12 7.18 41.85
N ASP A 339 -2.93 7.53 43.12
CA ASP A 339 -1.75 8.30 43.47
C ASP A 339 -0.48 7.62 42.98
N ASN A 340 -0.49 6.30 42.96
CA ASN A 340 0.70 5.57 42.52
C ASN A 340 0.95 5.75 41.04
N LEU A 341 -0.08 5.56 40.23
CA LEU A 341 0.05 5.70 38.78
C LEU A 341 0.47 7.14 38.50
N ARG A 342 -0.03 8.01 39.36
CA ARG A 342 0.20 9.44 39.26
C ARG A 342 1.61 9.92 39.40
N LYS A 343 2.31 9.44 40.44
CA LYS A 343 3.68 9.85 40.66
C LYS A 343 4.59 9.15 39.69
N ARG A 344 4.13 8.00 39.20
CA ARG A 344 4.91 7.24 38.24
C ARG A 344 4.92 8.01 36.91
N ILE A 345 3.81 8.70 36.62
CA ILE A 345 3.67 9.49 35.40
C ILE A 345 4.41 10.82 35.52
N LEU A 346 4.23 11.50 36.65
CA LEU A 346 4.91 12.79 36.92
C LEU A 346 6.41 12.53 36.79
N LYS A 347 6.81 11.42 37.40
CA LYS A 347 8.17 10.95 37.44
C LYS A 347 8.79 10.61 36.08
N ASP A 348 8.15 9.69 35.35
CA ASP A 348 8.62 9.28 34.02
C ASP A 348 8.73 10.55 33.19
N LEU A 349 7.69 11.37 33.27
CA LEU A 349 7.58 12.63 32.54
C LEU A 349 8.69 13.64 32.85
N ARG A 350 9.16 13.67 34.10
CA ARG A 350 10.24 14.57 34.51
C ARG A 350 11.59 13.97 34.14
N ASP A 351 11.74 12.68 34.43
CA ASP A 351 12.99 12.01 34.11
C ASP A 351 13.36 12.25 32.64
N HIS A 352 12.36 12.67 31.85
CA HIS A 352 12.57 12.93 30.43
C HIS A 352 12.81 14.42 30.11
N GLY A 353 12.53 15.29 31.07
CA GLY A 353 12.76 16.71 30.90
C GLY A 353 11.70 17.50 30.16
N ILE A 354 10.44 17.12 30.33
CA ILE A 354 9.35 17.79 29.62
C ILE A 354 8.35 18.39 30.60
N LEU A 355 8.48 18.00 31.85
CA LEU A 355 7.61 18.48 32.89
C LEU A 355 8.50 19.04 33.98
N GLY A 356 8.24 20.26 34.43
CA GLY A 356 9.06 20.84 35.48
C GLY A 356 9.08 19.91 36.68
N GLU A 357 9.97 20.18 37.65
CA GLU A 357 10.05 19.30 38.80
C GLU A 357 8.94 19.46 39.83
N ASN A 358 8.14 20.51 39.67
CA ASN A 358 7.07 20.75 40.61
C ASN A 358 5.72 21.05 39.95
N GLU A 359 5.69 21.17 38.63
CA GLU A 359 4.44 21.43 37.92
C GLU A 359 3.77 20.13 37.53
N GLU A 360 2.45 20.09 37.64
CA GLU A 360 1.72 18.91 37.22
C GLU A 360 1.27 19.22 35.79
N PRO A 361 1.19 18.17 34.93
CA PRO A 361 0.79 18.23 33.53
C PRO A 361 -0.50 18.97 33.22
N PRO A 362 -0.51 19.71 32.12
CA PRO A 362 -1.72 20.45 31.74
C PRO A 362 -2.89 19.49 31.78
N LYS A 363 -4.10 20.01 31.97
CA LYS A 363 -5.26 19.16 31.95
C LYS A 363 -5.71 19.16 30.49
N PRO A 364 -6.39 18.12 30.03
CA PRO A 364 -6.75 18.28 28.63
C PRO A 364 -7.98 19.11 28.32
N LEU A 365 -8.04 19.57 27.07
CA LEU A 365 -9.17 20.34 26.58
C LEU A 365 -10.23 19.29 26.22
N VAL A 366 -11.48 19.53 26.56
CA VAL A 366 -12.51 18.56 26.21
C VAL A 366 -13.84 19.18 25.85
N ARG A 368 -17.74 18.32 24.37
CA ARG A 368 -18.59 17.16 24.62
C ARG A 368 -19.23 16.55 23.43
N PRO A 369 -19.88 15.38 23.64
CA PRO A 369 -20.53 14.70 22.54
C PRO A 369 -21.31 15.72 21.73
N ILE A 370 -21.39 15.47 20.43
CA ILE A 370 -22.10 16.35 19.54
C ILE A 370 -23.48 15.76 19.27
N LYS A 371 -23.84 14.78 20.07
CA LYS A 371 -25.12 14.12 19.93
C LYS A 371 -26.35 15.02 20.04
N GLU A 372 -26.36 15.98 20.96
CA GLU A 372 -27.53 16.83 21.09
C GLU A 372 -27.64 18.02 20.14
N ILE A 373 -26.67 18.17 19.24
CA ILE A 373 -26.70 19.25 18.28
C ILE A 373 -27.75 18.85 17.27
N PRO A 374 -28.71 19.74 16.97
CA PRO A 374 -29.71 19.31 15.99
C PRO A 374 -29.00 19.37 14.65
N ILE A 375 -28.63 18.21 14.15
CA ILE A 375 -27.89 18.15 12.91
C ILE A 375 -28.54 18.89 11.75
N LYS A 376 -29.85 18.76 11.61
CA LYS A 376 -30.53 19.42 10.52
C LYS A 376 -30.48 20.96 10.53
N GLU A 377 -30.80 21.57 11.65
CA GLU A 377 -30.75 23.02 11.66
C GLU A 377 -29.29 23.54 11.74
N TRP A 378 -28.35 22.66 12.06
CA TRP A 378 -26.93 23.02 12.12
C TRP A 378 -26.41 23.07 10.69
N ASP A 380 -28.17 23.44 7.97
CA ASP A 380 -28.82 24.51 7.21
C ASP A 380 -28.02 25.80 7.36
N ILE A 381 -27.53 26.03 8.56
CA ILE A 381 -26.73 27.21 8.84
C ILE A 381 -25.35 27.17 8.18
N VAL A 382 -24.78 25.98 8.03
CA VAL A 382 -23.48 25.87 7.39
C VAL A 382 -23.65 26.02 5.88
N GLU A 383 -24.67 25.36 5.34
CA GLU A 383 -24.96 25.39 3.91
C GLU A 383 -25.32 26.78 3.45
N GLY A 384 -26.07 27.48 4.27
CA GLY A 384 -26.48 28.81 3.87
C GLY A 384 -25.61 29.95 4.33
N ASN A 385 -24.44 29.68 4.91
CA ASN A 385 -23.62 30.77 5.39
C ASN A 385 -22.14 30.62 5.20
N SER A 386 -21.68 29.42 4.86
CA SER A 386 -20.24 29.20 4.76
C SER A 386 -19.65 29.38 3.36
N GLU A 387 -18.80 30.40 3.26
CA GLU A 387 -18.12 30.79 2.03
C GLU A 387 -17.02 29.82 1.55
N THR A 388 -16.68 28.81 2.34
CA THR A 388 -15.63 27.90 1.90
C THR A 388 -16.09 26.49 1.65
N LEU A 389 -17.37 26.22 1.88
CA LEU A 389 -17.93 24.88 1.69
C LEU A 389 -17.92 24.47 0.20
N LEU A 390 -17.36 23.29 -0.09
CA LEU A 390 -17.30 22.80 -1.45
C LEU A 390 -17.88 21.42 -1.57
N ARG A 391 -18.70 21.20 -2.59
CA ARG A 391 -19.33 19.90 -2.77
C ARG A 391 -19.30 19.33 -4.19
N PHE A 392 -19.11 18.02 -4.25
CA PHE A 392 -19.04 17.28 -5.49
C PHE A 392 -19.75 15.97 -5.21
N GLU A 393 -20.93 15.82 -5.81
CA GLU A 393 -21.77 14.64 -5.66
C GLU A 393 -21.90 14.18 -4.21
N LEU A 394 -21.93 15.16 -3.31
CA LEU A 394 -22.01 14.88 -1.88
C LEU A 394 -22.56 16.11 -1.16
N LEU B 2 -8.45 3.83 -12.15
CA LEU B 2 -8.47 4.91 -13.13
C LEU B 2 -7.02 5.25 -13.43
N LEU B 3 -6.70 5.44 -14.70
CA LEU B 3 -5.33 5.76 -15.11
C LEU B 3 -5.46 6.83 -16.14
N GLU B 4 -4.38 7.54 -16.41
CA GLU B 4 -4.43 8.52 -17.47
C GLU B 4 -4.60 7.67 -18.73
N ALA B 5 -5.36 8.15 -19.69
CA ALA B 5 -5.57 7.40 -20.91
C ALA B 5 -4.31 7.35 -21.76
N PRO B 6 -4.14 6.28 -22.52
CA PRO B 6 -2.97 6.14 -23.38
C PRO B 6 -3.22 6.97 -24.63
N VAL B 7 -2.57 8.14 -24.68
CA VAL B 7 -2.70 9.07 -25.79
C VAL B 7 -1.44 9.04 -26.66
N TYR B 8 -0.37 9.60 -26.12
CA TYR B 8 0.92 9.68 -26.80
C TYR B 8 1.64 8.34 -26.83
N LYS B 9 2.44 8.15 -27.87
CA LYS B 9 3.21 6.92 -28.06
C LYS B 9 4.08 7.01 -29.29
N GLU B 10 5.07 6.14 -29.38
CA GLU B 10 5.95 6.14 -30.53
C GLU B 10 6.04 4.71 -31.07
N ILE B 11 6.22 4.60 -32.38
CA ILE B 11 6.29 3.32 -33.06
C ILE B 11 7.67 3.09 -33.66
N PHE B 12 8.13 1.85 -33.63
CA PHE B 12 9.41 1.51 -34.19
C PHE B 12 9.15 0.17 -34.84
N GLY B 13 9.03 0.17 -36.17
CA GLY B 13 8.73 -1.07 -36.83
C GLY B 13 7.44 -1.57 -36.25
N ALA B 14 7.46 -2.79 -35.73
CA ALA B 14 6.27 -3.40 -35.16
C ALA B 14 6.15 -3.16 -33.64
N VAL B 15 7.04 -2.32 -33.10
CA VAL B 15 7.01 -2.07 -31.67
C VAL B 15 6.30 -0.76 -31.30
N THR B 16 5.35 -0.84 -30.39
CA THR B 16 4.65 0.34 -29.95
C THR B 16 5.03 0.63 -28.49
N ILE B 17 5.69 1.76 -28.22
CA ILE B 17 6.01 2.07 -26.85
C ILE B 17 5.11 3.23 -26.41
N HIS B 18 4.21 2.93 -25.50
CA HIS B 18 3.27 3.90 -24.98
C HIS B 18 3.92 4.84 -23.98
N GLU B 19 3.52 6.09 -24.00
CA GLU B 19 4.05 7.09 -23.07
C GLU B 19 3.63 6.66 -21.66
N VAL B 20 4.48 6.95 -20.67
CA VAL B 20 4.17 6.55 -19.30
C VAL B 20 2.80 7.14 -18.85
N GLN B 21 2.03 6.30 -18.16
CA GLN B 21 0.70 6.70 -17.68
C GLN B 21 0.65 6.61 -16.18
N LYS B 22 -0.09 7.52 -15.58
CA LYS B 22 -0.21 7.51 -14.14
C LYS B 22 -1.50 6.90 -13.64
N VAL B 23 -1.41 6.22 -12.49
CA VAL B 23 -2.57 5.63 -11.83
C VAL B 23 -3.21 6.86 -11.21
N ILE B 24 -4.48 7.08 -11.50
CA ILE B 24 -5.17 8.25 -11.00
C ILE B 24 -6.08 7.96 -9.81
N LYS B 25 -6.55 6.73 -9.71
CA LYS B 25 -7.43 6.35 -8.62
C LYS B 25 -7.32 4.85 -8.45
N ASP B 27 -9.12 2.24 -6.08
CA ASP B 27 -10.27 1.33 -6.06
C ASP B 27 -11.43 1.91 -6.86
N THR B 28 -11.78 1.26 -7.97
CA THR B 28 -12.86 1.74 -8.82
C THR B 28 -13.88 0.71 -9.25
N GLU B 29 -15.13 1.10 -9.03
CA GLU B 29 -16.33 0.32 -9.33
C GLU B 29 -16.28 -0.27 -10.75
N THR B 37 -9.59 11.86 -21.07
CA THR B 37 -8.17 11.64 -20.78
C THR B 37 -7.95 10.63 -19.65
N ILE B 38 -8.97 9.83 -19.36
CA ILE B 38 -8.87 8.86 -18.28
C ILE B 38 -9.43 7.47 -18.63
N SER B 39 -8.57 6.47 -18.52
CA SER B 39 -9.00 5.11 -18.78
C SER B 39 -9.61 4.61 -17.50
N ASN B 40 -10.71 3.88 -17.63
CA ASN B 40 -11.41 3.31 -16.48
C ASN B 40 -11.34 1.79 -16.63
N ILE B 41 -10.50 1.16 -15.82
CA ILE B 41 -10.37 -0.29 -15.85
C ILE B 41 -11.10 -0.77 -14.57
N PRO B 42 -12.36 -1.21 -14.70
CA PRO B 42 -13.13 -1.67 -13.54
C PRO B 42 -12.42 -2.73 -12.73
N ARG B 43 -12.47 -2.58 -11.41
CA ARG B 43 -11.84 -3.51 -10.49
C ARG B 43 -12.09 -4.96 -10.85
N GLU B 44 -13.29 -5.27 -11.32
CA GLU B 44 -13.60 -6.67 -11.62
C GLU B 44 -12.96 -7.23 -12.87
N LYS B 45 -12.72 -6.40 -13.88
CA LYS B 45 -12.08 -6.92 -15.08
C LYS B 45 -10.64 -7.31 -14.70
N ILE B 46 -10.09 -6.57 -13.72
CA ILE B 46 -8.73 -6.77 -13.22
C ILE B 46 -8.60 -8.07 -12.43
N TYR B 47 -9.64 -8.42 -11.68
CA TYR B 47 -9.64 -9.66 -10.90
C TYR B 47 -9.83 -10.90 -11.75
N ASP B 48 -10.41 -10.70 -12.92
CA ASP B 48 -10.65 -11.77 -13.86
C ASP B 48 -9.31 -12.13 -14.46
N LEU B 49 -8.58 -11.12 -14.91
CA LEU B 49 -7.27 -11.35 -15.51
C LEU B 49 -6.30 -11.90 -14.47
N LEU B 50 -6.43 -11.40 -13.25
CA LEU B 50 -5.58 -11.82 -12.16
C LEU B 50 -5.46 -13.33 -12.03
N GLY B 51 -6.57 -14.03 -12.24
CA GLY B 51 -6.58 -15.49 -12.13
C GLY B 51 -5.80 -16.21 -13.21
N LYS B 52 -5.42 -15.47 -14.24
CA LYS B 52 -4.68 -16.03 -15.36
C LYS B 52 -3.23 -15.57 -15.33
N ALA B 54 0.44 -15.61 -13.46
CA ALA B 54 1.34 -16.24 -12.50
C ALA B 54 2.24 -15.10 -11.99
N VAL B 55 2.41 -14.98 -10.69
CA VAL B 55 3.28 -13.95 -10.17
C VAL B 55 4.56 -14.67 -9.79
N ILE B 56 5.61 -14.47 -10.58
CA ILE B 56 6.86 -15.15 -10.34
C ILE B 56 7.79 -14.36 -9.43
N VAL B 57 8.27 -15.03 -8.39
CA VAL B 57 9.16 -14.39 -7.43
C VAL B 57 10.51 -15.12 -7.35
N PRO B 58 11.52 -14.69 -8.11
CA PRO B 58 12.85 -15.32 -8.09
C PRO B 58 13.51 -14.76 -6.84
N LYS B 60 16.58 -15.11 -3.44
CA LYS B 60 17.85 -15.64 -3.01
C LYS B 60 18.24 -14.96 -1.72
N ASN B 61 18.13 -15.68 -0.61
CA ASN B 61 18.49 -15.21 0.71
C ASN B 61 17.86 -13.93 1.24
N GLU B 62 16.64 -13.62 0.85
CA GLU B 62 15.98 -12.41 1.33
C GLU B 62 15.53 -12.64 2.76
N LYS B 63 15.18 -11.54 3.42
CA LYS B 63 14.69 -11.56 4.79
C LYS B 63 13.32 -12.25 4.83
N LEU B 64 13.14 -13.22 5.72
CA LEU B 64 11.85 -13.90 5.77
C LEU B 64 10.67 -13.00 6.10
N HIS B 65 10.86 -11.98 6.93
CA HIS B 65 9.72 -11.12 7.27
C HIS B 65 9.29 -10.28 6.06
N LEU B 66 10.21 -10.01 5.16
CA LEU B 66 9.89 -9.22 3.98
C LEU B 66 9.19 -10.09 2.95
N VAL B 67 9.66 -11.32 2.81
CA VAL B 67 9.10 -12.29 1.88
C VAL B 67 7.65 -12.54 2.30
N ASP B 68 7.47 -12.65 3.61
CA ASP B 68 6.17 -12.90 4.17
C ASP B 68 5.19 -11.81 3.83
N GLY B 69 5.65 -10.57 3.88
CA GLY B 69 4.75 -9.46 3.58
C GLY B 69 4.41 -9.40 2.11
N VAL B 70 5.38 -9.69 1.26
CA VAL B 70 5.11 -9.67 -0.17
C VAL B 70 4.05 -10.73 -0.49
N LEU B 71 4.26 -11.94 0.03
CA LEU B 71 3.33 -13.04 -0.18
C LEU B 71 1.92 -12.67 0.30
N LYS B 72 1.83 -12.06 1.48
CA LYS B 72 0.53 -11.70 2.00
C LYS B 72 -0.18 -10.63 1.19
N ALA B 73 0.57 -9.90 0.38
CA ALA B 73 0.02 -8.82 -0.44
C ALA B 73 -0.43 -9.22 -1.83
N ILE B 74 0.06 -10.35 -2.31
CA ILE B 74 -0.34 -10.79 -3.63
C ILE B 74 -1.79 -11.22 -3.59
N PRO B 75 -2.61 -10.73 -4.53
CA PRO B 75 -4.04 -11.09 -4.57
C PRO B 75 -4.24 -12.61 -4.53
N HIS B 76 -5.05 -13.08 -3.61
CA HIS B 76 -5.33 -14.51 -3.45
C HIS B 76 -5.51 -15.25 -4.77
N LYS B 77 -6.20 -14.57 -5.67
CA LYS B 77 -6.51 -15.01 -7.00
C LYS B 77 -5.30 -15.47 -7.85
N CYS B 78 -4.16 -14.81 -7.64
CA CYS B 78 -2.97 -15.08 -8.41
C CYS B 78 -2.15 -16.28 -7.98
N PRO B 79 -1.79 -17.15 -8.93
CA PRO B 79 -0.98 -18.31 -8.56
C PRO B 79 0.43 -17.74 -8.28
N ILE B 80 1.11 -18.26 -7.28
CA ILE B 80 2.44 -17.76 -6.93
C ILE B 80 3.54 -18.76 -7.22
N ILE B 81 4.54 -18.35 -7.98
CA ILE B 81 5.63 -19.25 -8.30
C ILE B 81 6.94 -18.70 -7.76
N ILE B 82 7.52 -19.43 -6.82
CA ILE B 82 8.77 -19.01 -6.21
C ILE B 82 9.96 -19.86 -6.64
N VAL B 83 10.98 -19.20 -7.16
CA VAL B 83 12.17 -19.91 -7.57
C VAL B 83 13.27 -19.37 -6.65
N SER B 84 13.63 -20.18 -5.67
CA SER B 84 14.63 -19.84 -4.70
C SER B 84 16.01 -20.34 -5.06
N ASN B 85 16.99 -19.46 -5.06
CA ASN B 85 18.36 -19.93 -5.27
C ASN B 85 19.03 -19.54 -3.96
N SER B 86 18.31 -19.79 -2.88
CA SER B 86 18.79 -19.46 -1.58
C SER B 86 19.85 -20.42 -1.09
N LYS B 87 20.66 -19.98 -0.13
CA LYS B 87 21.72 -20.78 0.46
C LYS B 87 21.09 -22.04 1.07
N ARG B 88 21.61 -23.21 0.72
CA ARG B 88 21.03 -24.48 1.20
C ARG B 88 21.78 -25.17 2.33
N GLU B 89 22.70 -24.48 3.00
CA GLU B 89 23.47 -25.15 4.04
C GLU B 89 24.28 -24.19 4.90
N GLY B 90 24.37 -24.50 6.19
CA GLY B 90 25.14 -23.65 7.08
C GLY B 90 24.74 -22.19 7.04
N PRO B 91 23.45 -21.89 7.19
CA PRO B 91 22.34 -22.81 7.42
C PRO B 91 21.56 -23.07 6.13
N ASN B 92 20.68 -24.06 6.14
CA ASN B 92 19.89 -24.37 4.96
C ASN B 92 18.72 -23.40 4.96
N ARG B 93 18.86 -22.29 4.24
CA ARG B 93 17.81 -21.30 4.19
C ARG B 93 16.60 -21.68 3.35
N TYR B 94 16.80 -22.57 2.38
CA TYR B 94 15.69 -23.01 1.54
C TYR B 94 14.71 -23.63 2.52
N LYS B 95 15.29 -24.33 3.47
CA LYS B 95 14.55 -25.01 4.52
C LYS B 95 13.72 -24.02 5.34
N LEU B 96 14.30 -22.85 5.60
CA LEU B 96 13.60 -21.82 6.36
C LEU B 96 12.45 -21.28 5.53
N GLU B 97 12.64 -21.23 4.22
CA GLU B 97 11.63 -20.71 3.30
C GLU B 97 10.48 -21.70 3.11
N VAL B 98 10.84 -22.98 3.11
CA VAL B 98 9.86 -24.04 2.97
C VAL B 98 8.90 -23.94 4.15
N ASP B 99 9.44 -23.69 5.33
CA ASP B 99 8.64 -23.58 6.53
C ASP B 99 7.71 -22.37 6.45
N LEU B 100 8.25 -21.23 6.04
CA LEU B 100 7.43 -20.05 5.91
C LEU B 100 6.31 -20.30 4.91
N ILE B 101 6.64 -20.92 3.79
CA ILE B 101 5.65 -21.16 2.76
C ILE B 101 4.48 -22.03 3.19
N ARG B 102 4.75 -23.06 3.98
CA ARG B 102 3.68 -23.92 4.46
C ARG B 102 2.85 -23.24 5.53
N HIS B 103 3.49 -22.50 6.42
CA HIS B 103 2.75 -21.79 7.45
C HIS B 103 1.83 -20.86 6.69
N PHE B 104 2.42 -20.14 5.77
CA PHE B 104 1.67 -19.22 4.95
C PHE B 104 0.51 -19.94 4.25
N TYR B 105 0.78 -21.10 3.67
CA TYR B 105 -0.31 -21.81 3.00
C TYR B 105 -1.36 -22.26 3.99
N ASN B 106 -0.93 -22.66 5.17
CA ASN B 106 -1.87 -23.12 6.20
C ASN B 106 -2.80 -22.00 6.68
N LEU B 107 -2.35 -20.74 6.57
CA LEU B 107 -3.16 -19.62 7.04
C LEU B 107 -3.94 -18.97 5.93
N THR B 108 -3.51 -19.15 4.69
CA THR B 108 -4.19 -18.50 3.57
C THR B 108 -4.71 -19.35 2.41
N HIS B 109 -4.19 -20.56 2.27
CA HIS B 109 -4.59 -21.45 1.17
C HIS B 109 -4.31 -20.83 -0.19
N SER B 110 -3.22 -20.08 -0.29
CA SER B 110 -2.83 -19.46 -1.54
C SER B 110 -2.31 -20.58 -2.42
N LYS B 111 -2.53 -20.46 -3.73
CA LYS B 111 -2.04 -21.47 -4.68
C LYS B 111 -0.58 -21.13 -4.96
N ILE B 112 0.30 -22.04 -4.60
CA ILE B 112 1.71 -21.75 -4.69
C ILE B 112 2.61 -22.94 -5.05
N ILE B 113 3.62 -22.66 -5.86
CA ILE B 113 4.61 -23.64 -6.28
C ILE B 113 5.96 -23.02 -5.89
N ILE B 115 10.33 -24.06 -5.80
CA ILE B 115 11.33 -25.02 -6.15
C ILE B 115 12.67 -24.35 -5.95
N HIS B 116 13.71 -25.12 -5.73
CA HIS B 116 15.00 -24.51 -5.56
C HIS B 116 15.71 -24.60 -6.90
N GLN B 117 16.40 -23.54 -7.28
CA GLN B 117 17.11 -23.46 -8.55
C GLN B 117 18.14 -24.58 -8.73
N LYS B 118 18.79 -24.99 -7.65
CA LYS B 118 19.81 -26.02 -7.73
C LYS B 118 19.25 -27.45 -7.68
N ASP B 119 17.95 -27.60 -7.74
CA ASP B 119 17.37 -28.93 -7.70
C ASP B 119 17.91 -29.72 -8.89
N PRO B 120 18.64 -30.81 -8.63
CA PRO B 120 19.20 -31.61 -9.73
C PRO B 120 18.13 -32.25 -10.64
N GLY B 121 16.91 -32.40 -10.13
CA GLY B 121 15.84 -32.94 -10.94
C GLY B 121 15.38 -31.87 -11.94
N LEU B 122 15.79 -30.64 -11.66
CA LEU B 122 15.43 -29.53 -12.51
C LEU B 122 16.43 -29.44 -13.65
N ALA B 123 17.71 -29.59 -13.32
CA ALA B 123 18.77 -29.53 -14.31
C ALA B 123 18.64 -30.68 -15.28
N LYS B 124 18.04 -31.75 -14.80
CA LYS B 124 17.84 -32.97 -15.59
C LYS B 124 16.80 -32.77 -16.68
N ALA B 125 15.72 -32.05 -16.35
CA ALA B 125 14.68 -31.81 -17.34
C ALA B 125 15.21 -30.97 -18.50
N PHE B 126 16.04 -29.98 -18.18
CA PHE B 126 16.62 -29.09 -19.19
C PHE B 126 17.53 -29.80 -20.19
N LYS B 127 18.26 -30.80 -19.71
CA LYS B 127 19.14 -31.51 -20.61
C LYS B 127 18.38 -32.48 -21.47
N GLU B 128 17.65 -33.36 -20.82
CA GLU B 128 16.90 -34.36 -21.54
C GLU B 128 15.95 -33.73 -22.55
N VAL B 129 15.80 -32.41 -22.48
CA VAL B 129 14.93 -31.73 -23.41
C VAL B 129 15.70 -30.97 -24.46
N GLY B 130 17.02 -30.96 -24.30
CA GLY B 130 17.89 -30.30 -25.26
C GLY B 130 18.25 -28.86 -24.94
N TYR B 131 17.61 -28.29 -23.92
CA TYR B 131 17.87 -26.91 -23.56
C TYR B 131 19.03 -26.78 -22.57
N THR B 132 20.24 -26.58 -23.09
CA THR B 132 21.42 -26.47 -22.23
C THR B 132 21.88 -25.06 -21.90
N ASP B 133 21.24 -24.05 -22.51
CA ASP B 133 21.63 -22.65 -22.30
C ASP B 133 21.65 -22.12 -20.86
N ILE B 134 20.95 -22.81 -19.96
CA ILE B 134 20.81 -22.44 -18.56
C ILE B 134 21.70 -23.21 -17.57
N LEU B 135 22.56 -24.09 -18.08
CA LEU B 135 23.43 -24.91 -17.21
C LEU B 135 24.87 -24.39 -17.07
N ASP B 136 25.47 -24.56 -15.90
CA ASP B 136 26.85 -24.14 -15.72
C ASP B 136 27.73 -25.37 -15.96
N GLU B 137 29.04 -25.23 -15.75
CA GLU B 137 29.97 -26.33 -15.99
C GLU B 137 29.76 -27.60 -15.19
N ASN B 138 29.16 -27.49 -14.00
CA ASN B 138 28.91 -28.66 -13.16
C ASN B 138 27.62 -29.35 -13.53
N GLY B 139 27.07 -29.04 -14.70
CA GLY B 139 25.84 -29.67 -15.12
C GLY B 139 24.59 -29.20 -14.39
N ILE B 141 21.88 -26.07 -12.91
CA ILE B 141 21.36 -24.81 -13.39
C ILE B 141 22.24 -23.73 -12.75
N ARG B 142 22.71 -22.81 -13.60
CA ARG B 142 23.60 -21.71 -13.21
C ARG B 142 22.92 -20.80 -12.23
N SER B 143 23.64 -20.27 -11.23
CA SER B 143 22.94 -19.34 -10.35
C SER B 143 22.76 -18.04 -11.12
N GLY B 144 21.74 -17.29 -10.76
CA GLY B 144 21.45 -16.07 -11.46
C GLY B 144 19.97 -15.76 -11.45
N LYS B 145 19.61 -14.50 -11.72
CA LYS B 145 18.22 -14.10 -11.73
C LYS B 145 17.48 -14.48 -13.03
N GLY B 146 18.17 -14.42 -14.16
CA GLY B 146 17.52 -14.75 -15.42
C GLY B 146 17.11 -16.22 -15.46
N GLU B 147 17.99 -17.07 -14.98
CA GLU B 147 17.75 -18.50 -14.93
C GLU B 147 16.57 -18.78 -13.98
N GLY B 148 16.54 -18.09 -12.86
CA GLY B 148 15.43 -18.26 -11.94
C GLY B 148 14.15 -17.87 -12.64
N LEU B 150 13.60 -17.91 -15.83
CA LEU B 150 13.30 -18.92 -16.85
C LEU B 150 12.60 -20.13 -16.27
N VAL B 151 13.01 -20.55 -15.09
CA VAL B 151 12.40 -21.71 -14.44
C VAL B 151 10.98 -21.38 -14.04
N GLY B 152 10.80 -20.18 -13.50
CA GLY B 152 9.50 -19.76 -13.07
C GLY B 152 8.60 -19.64 -14.25
N LEU B 153 9.19 -19.21 -15.34
CA LEU B 153 8.44 -19.03 -16.60
C LEU B 153 7.90 -20.35 -17.16
N LEU B 154 8.72 -21.39 -17.11
CA LEU B 154 8.31 -22.67 -17.64
C LEU B 154 7.28 -23.28 -16.72
N LEU B 155 7.47 -23.07 -15.42
CA LEU B 155 6.56 -23.59 -14.43
C LEU B 155 5.20 -22.91 -14.68
N ALA B 156 5.27 -21.61 -14.96
CA ALA B 156 4.07 -20.83 -15.19
C ALA B 156 3.38 -21.39 -16.43
N LYS B 157 4.17 -21.70 -17.46
CA LYS B 157 3.56 -22.24 -18.66
C LYS B 157 2.94 -23.61 -18.37
N ALA B 158 3.61 -24.39 -17.54
CA ALA B 158 3.13 -25.72 -17.17
C ALA B 158 1.78 -25.73 -16.46
N ILE B 159 1.43 -24.63 -15.81
CA ILE B 159 0.14 -24.56 -15.12
C ILE B 159 -0.90 -23.80 -15.92
N GLY B 160 -0.53 -23.39 -17.13
CA GLY B 160 -1.46 -22.69 -18.00
C GLY B 160 -1.60 -21.20 -17.84
N ALA B 161 -0.64 -20.56 -17.19
CA ALA B 161 -0.69 -19.13 -17.00
C ALA B 161 -0.69 -18.49 -18.39
N GLU B 162 -1.41 -17.39 -18.51
CA GLU B 162 -1.52 -16.67 -19.77
C GLU B 162 -0.67 -15.41 -19.67
N TYR B 163 -0.47 -14.94 -18.43
CA TYR B 163 0.31 -13.75 -18.17
C TYR B 163 1.27 -14.08 -17.03
N VAL B 164 2.38 -13.35 -16.98
CA VAL B 164 3.33 -13.54 -15.90
C VAL B 164 3.84 -12.19 -15.40
N GLY B 165 3.83 -12.02 -14.09
CA GLY B 165 4.32 -10.79 -13.53
C GLY B 165 5.49 -11.06 -12.61
N PHE B 166 6.49 -10.21 -12.64
CA PHE B 166 7.62 -10.41 -11.76
C PHE B 166 7.57 -9.46 -10.58
N VAL B 167 7.90 -10.00 -9.42
CA VAL B 167 7.89 -9.19 -8.21
C VAL B 167 9.10 -9.55 -7.36
N ASP B 168 9.72 -8.56 -6.72
CA ASP B 168 10.85 -8.85 -5.86
C ASP B 168 10.40 -9.05 -4.40
N ALA B 169 10.93 -10.10 -3.79
CA ALA B 169 10.58 -10.48 -2.44
C ALA B 169 11.11 -9.61 -1.30
N ASP B 170 11.89 -8.58 -1.63
CA ASP B 170 12.42 -7.74 -0.56
C ASP B 170 11.82 -6.33 -0.51
N ASN B 171 10.57 -6.20 -0.89
CA ASN B 171 9.90 -4.90 -0.88
C ASN B 171 9.52 -4.60 0.56
N TYR B 172 9.66 -3.35 1.00
CA TYR B 172 9.26 -3.01 2.37
C TYR B 172 7.79 -2.70 2.41
N ILE B 173 7.19 -2.50 1.25
CA ILE B 173 5.81 -2.13 1.22
C ILE B 173 4.90 -3.15 0.54
N PRO B 174 4.35 -4.08 1.32
CA PRO B 174 3.46 -5.11 0.78
C PRO B 174 2.40 -4.50 -0.12
N GLY B 175 1.80 -3.39 0.30
CA GLY B 175 0.80 -2.74 -0.50
C GLY B 175 1.28 -2.39 -1.90
N ALA B 176 2.55 -2.07 -2.04
CA ALA B 176 3.11 -1.75 -3.35
C ALA B 176 3.07 -2.98 -4.25
N VAL B 177 3.33 -4.14 -3.66
CA VAL B 177 3.32 -5.37 -4.44
C VAL B 177 1.90 -5.62 -4.90
N ASN B 178 0.95 -5.33 -4.01
CA ASN B 178 -0.45 -5.51 -4.32
C ASN B 178 -0.85 -4.62 -5.49
N GLU B 179 -0.23 -3.44 -5.60
CA GLU B 179 -0.54 -2.51 -6.68
C GLU B 179 0.14 -2.89 -7.97
N TYR B 180 1.33 -3.49 -7.88
CA TYR B 180 2.06 -3.85 -9.08
C TYR B 180 1.28 -4.84 -9.90
N VAL B 181 0.81 -5.88 -9.23
CA VAL B 181 0.03 -6.93 -9.85
C VAL B 181 -1.22 -6.35 -10.52
N LYS B 182 -1.91 -5.48 -9.80
CA LYS B 182 -3.08 -4.84 -10.36
C LYS B 182 -2.72 -3.89 -11.49
N ASP B 183 -1.55 -3.26 -11.41
CA ASP B 183 -1.12 -2.38 -12.48
C ASP B 183 -0.73 -3.16 -13.70
N TYR B 184 -0.27 -4.39 -13.50
CA TYR B 184 0.09 -5.25 -14.62
C TYR B 184 -1.17 -5.55 -15.39
N ALA B 185 -2.18 -6.02 -14.66
CA ALA B 185 -3.49 -6.34 -15.21
C ALA B 185 -4.02 -5.15 -16.00
N ALA B 186 -3.92 -3.98 -15.41
CA ALA B 186 -4.40 -2.77 -16.06
C ALA B 186 -3.69 -2.52 -17.38
N GLY B 187 -2.39 -2.78 -17.38
CA GLY B 187 -1.60 -2.60 -18.59
C GLY B 187 -2.11 -3.56 -19.65
N PHE B 188 -2.30 -4.83 -19.30
CA PHE B 188 -2.80 -5.80 -20.26
C PHE B 188 -4.20 -5.49 -20.76
N LEU B 189 -5.08 -5.02 -19.87
CA LEU B 189 -6.47 -4.72 -20.23
C LEU B 189 -6.61 -3.49 -21.14
N SER B 191 -4.40 -3.14 -23.50
CA SER B 191 -3.64 -3.55 -24.68
C SER B 191 -4.55 -4.10 -25.77
N GLU B 192 -4.10 -3.97 -27.01
CA GLU B 192 -4.86 -4.49 -28.13
C GLU B 192 -4.08 -5.60 -28.83
N SER B 193 -3.04 -6.12 -28.17
CA SER B 193 -2.23 -7.18 -28.77
C SER B 193 -1.89 -8.30 -27.78
N GLU B 194 -1.86 -9.54 -28.29
CA GLU B 194 -1.54 -10.67 -27.43
C GLU B 194 -0.07 -10.68 -27.03
N TYR B 195 0.72 -9.79 -27.64
CA TYR B 195 2.14 -9.68 -27.32
C TYR B 195 2.32 -8.34 -26.60
N THR B 196 2.11 -8.35 -25.29
CA THR B 196 2.19 -7.13 -24.50
C THR B 196 3.08 -7.21 -23.26
N VAL B 198 4.20 -4.95 -19.68
CA VAL B 198 3.86 -3.84 -18.80
C VAL B 198 5.06 -3.62 -17.87
N ARG B 199 5.56 -2.39 -17.82
CA ARG B 199 6.71 -2.09 -16.98
C ARG B 199 6.35 -0.96 -16.03
N LEU B 200 6.56 -1.19 -14.74
CA LEU B 200 6.23 -0.17 -13.76
C LEU B 200 7.30 0.88 -13.55
N HIS B 201 6.87 2.08 -13.17
CA HIS B 201 7.77 3.19 -12.97
C HIS B 201 7.36 4.06 -11.80
N TRP B 202 8.37 4.61 -11.13
CA TRP B 202 8.19 5.50 -9.97
C TRP B 202 9.28 6.56 -10.08
N VAL B 221 21.25 6.84 -12.88
CA VAL B 221 21.44 5.40 -13.12
C VAL B 221 20.33 4.85 -14.03
N SER B 222 19.12 4.81 -13.53
CA SER B 222 17.99 4.34 -14.31
C SER B 222 17.79 5.31 -15.46
N GLU B 223 18.13 6.58 -15.22
CA GLU B 223 17.99 7.62 -16.22
C GLU B 223 19.11 7.52 -17.25
N ILE B 224 20.27 7.04 -16.82
CA ILE B 224 21.37 6.89 -17.74
C ILE B 224 21.01 5.74 -18.69
N THR B 225 20.35 4.71 -18.14
CA THR B 225 19.93 3.57 -18.95
C THR B 225 18.83 4.06 -19.90
N ASN B 226 17.92 4.88 -19.36
CA ASN B 226 16.85 5.41 -20.18
C ASN B 226 17.42 6.37 -21.21
N HIS B 227 18.42 7.14 -20.80
CA HIS B 227 19.05 8.10 -21.70
C HIS B 227 19.60 7.41 -22.94
N TYR B 228 20.36 6.34 -22.74
CA TYR B 228 20.93 5.62 -23.85
C TYR B 228 20.00 4.73 -24.63
N LEU B 229 18.96 4.20 -23.98
CA LEU B 229 18.00 3.36 -24.70
C LEU B 229 17.28 4.25 -25.74
N ASN B 230 16.84 5.42 -25.31
CA ASN B 230 16.17 6.32 -26.24
C ASN B 230 17.15 6.74 -27.33
N LEU B 231 18.38 6.97 -26.93
CA LEU B 231 19.45 7.37 -27.84
C LEU B 231 19.68 6.26 -28.87
N LEU B 232 19.52 5.01 -28.41
CA LEU B 232 19.68 3.83 -29.27
C LEU B 232 18.76 3.98 -30.45
N VAL B 233 17.65 4.68 -30.20
CA VAL B 233 16.64 4.91 -31.21
C VAL B 233 16.78 6.25 -31.91
N SER B 234 17.03 7.28 -31.12
CA SER B 234 17.16 8.62 -31.68
C SER B 234 18.19 8.63 -32.80
N GLU B 235 19.04 7.61 -32.86
CA GLU B 235 20.04 7.66 -33.89
C GLU B 235 19.76 7.12 -35.27
N HIS B 236 18.48 6.91 -35.55
CA HIS B 236 18.03 6.56 -36.89
C HIS B 236 16.58 6.92 -37.18
N THR B 237 16.00 7.71 -36.28
CA THR B 237 14.65 8.26 -36.45
C THR B 237 15.05 9.71 -36.75
N ALA B 238 16.13 10.10 -36.05
CA ALA B 238 16.77 11.41 -36.14
C ALA B 238 16.28 12.35 -35.05
N PHE B 239 15.19 11.97 -34.39
CA PHE B 239 14.61 12.80 -33.33
C PHE B 239 14.82 12.25 -31.93
N GLU B 240 15.42 13.06 -31.07
CA GLU B 240 15.70 12.67 -29.69
C GLU B 240 14.39 12.35 -28.97
N THR B 241 14.32 11.21 -28.29
CA THR B 241 13.10 10.82 -27.60
C THR B 241 13.32 10.64 -26.12
N THR B 242 12.20 10.57 -25.43
CA THR B 242 12.19 10.46 -23.99
C THR B 242 11.21 9.37 -23.57
N ILE B 243 10.41 8.92 -24.54
CA ILE B 243 9.40 7.90 -24.36
C ILE B 243 9.78 6.73 -23.45
N VAL B 245 11.13 5.13 -20.31
CA VAL B 245 11.47 5.54 -18.95
C VAL B 245 11.53 4.41 -17.92
N THR B 246 11.47 3.16 -18.37
CA THR B 246 11.46 1.97 -17.49
C THR B 246 12.52 0.94 -17.92
N GLY B 247 13.72 1.43 -18.22
CA GLY B 247 14.78 0.56 -18.71
C GLY B 247 15.34 -0.43 -17.72
N ASN B 248 15.17 -0.14 -16.44
CA ASN B 248 15.66 -1.00 -15.38
C ASN B 248 14.48 -1.44 -14.54
N ALA B 249 13.31 -1.41 -15.15
CA ALA B 249 12.09 -1.78 -14.46
C ALA B 249 12.04 -3.25 -14.06
N GLY B 250 12.47 -3.56 -12.84
CA GLY B 250 12.41 -4.93 -12.37
C GLY B 250 10.96 -5.38 -12.27
N GLU B 251 10.07 -4.48 -11.88
CA GLU B 251 8.67 -4.82 -11.77
C GLU B 251 8.06 -4.70 -13.16
N HIS B 252 7.87 -5.84 -13.79
CA HIS B 252 7.28 -5.88 -15.11
C HIS B 252 6.49 -7.13 -15.30
N ALA B 253 5.72 -7.17 -16.37
CA ALA B 253 4.89 -8.31 -16.68
C ALA B 253 4.73 -8.45 -18.18
N THR B 255 2.76 -11.12 -21.49
CA THR B 255 1.82 -12.20 -21.81
C THR B 255 2.73 -13.40 -22.05
N LYS B 257 2.76 -15.46 -24.39
CA LYS B 257 3.13 -15.49 -25.79
C LYS B 257 4.37 -14.69 -26.11
N LEU B 258 4.50 -13.55 -25.44
CA LEU B 258 5.66 -12.72 -25.66
C LEU B 258 6.87 -13.21 -24.87
N ALA B 259 6.64 -13.60 -23.63
CA ALA B 259 7.75 -14.08 -22.80
C ALA B 259 8.43 -15.30 -23.43
N GLU B 260 7.61 -16.18 -23.97
CA GLU B 260 8.11 -17.42 -24.54
C GLU B 260 8.94 -17.32 -25.81
N ILE B 261 8.93 -16.18 -26.47
CA ILE B 261 9.75 -16.05 -27.66
C ILE B 261 10.92 -15.10 -27.45
N LEU B 262 11.15 -14.70 -26.20
CA LEU B 262 12.25 -13.78 -25.93
C LEU B 262 13.51 -14.41 -25.36
N PRO B 263 14.66 -14.05 -25.92
CA PRO B 263 15.88 -14.61 -25.37
C PRO B 263 16.04 -13.79 -24.08
N PHE B 264 16.53 -14.41 -23.00
CA PHE B 264 16.69 -13.71 -21.74
C PHE B 264 18.15 -13.62 -21.32
N SER B 265 18.50 -12.53 -20.65
CA SER B 265 19.85 -12.36 -20.16
C SER B 265 19.76 -12.64 -18.67
N THR B 266 20.70 -12.14 -17.88
CA THR B 266 20.66 -12.39 -16.46
C THR B 266 21.25 -11.18 -15.72
N GLY B 267 21.37 -11.27 -14.40
CA GLY B 267 21.91 -10.15 -13.64
C GLY B 267 21.14 -8.86 -13.89
N TYR B 268 21.89 -7.75 -13.96
CA TYR B 268 21.34 -6.41 -14.19
C TYR B 268 21.01 -6.13 -15.64
N SER B 269 21.33 -7.07 -16.53
CA SER B 269 21.11 -6.89 -17.96
C SER B 269 19.70 -7.26 -18.40
N ILE B 270 19.01 -8.03 -17.59
CA ILE B 270 17.67 -8.51 -17.91
C ILE B 270 16.69 -7.47 -18.45
N GLU B 271 16.40 -6.47 -17.63
CA GLU B 271 15.45 -5.44 -18.01
C GLU B 271 15.84 -4.64 -19.24
N PRO B 272 17.03 -4.05 -19.23
CA PRO B 272 17.41 -3.28 -20.41
C PRO B 272 17.49 -4.16 -21.65
N TYR B 273 17.97 -5.38 -21.48
CA TYR B 273 18.08 -6.29 -22.61
C TYR B 273 16.76 -6.64 -23.26
N GLU B 274 15.68 -6.73 -22.48
CA GLU B 274 14.39 -7.07 -23.06
C GLU B 274 14.05 -6.00 -24.10
N ILE B 275 14.30 -4.74 -23.75
CA ILE B 275 14.01 -3.61 -24.64
C ILE B 275 14.92 -3.63 -25.86
N VAL B 276 16.23 -3.76 -25.63
CA VAL B 276 17.18 -3.80 -26.74
C VAL B 276 16.84 -4.91 -27.74
N TYR B 277 16.53 -6.10 -27.23
CA TYR B 277 16.21 -7.19 -28.12
C TYR B 277 14.94 -6.91 -28.90
N ILE B 278 13.91 -6.48 -28.21
CA ILE B 278 12.64 -6.20 -28.87
C ILE B 278 12.78 -5.20 -30.02
N LEU B 279 13.59 -4.16 -29.83
CA LEU B 279 13.76 -3.16 -30.91
C LEU B 279 14.59 -3.78 -32.02
N GLU B 280 15.66 -4.46 -31.64
CA GLU B 280 16.54 -5.12 -32.60
C GLU B 280 15.77 -6.03 -33.55
N ARG B 281 14.91 -6.87 -33.00
CA ARG B 281 14.20 -7.81 -33.82
C ARG B 281 12.92 -7.36 -34.48
N PHE B 282 12.25 -6.39 -33.90
CA PHE B 282 11.00 -5.91 -34.47
C PHE B 282 11.01 -4.44 -34.80
N GLY B 283 12.15 -3.77 -34.60
CA GLY B 283 12.25 -2.35 -34.92
C GLY B 283 12.21 -2.11 -36.43
N LYS B 284 12.45 -3.17 -37.22
CA LYS B 284 12.41 -3.13 -38.69
C LYS B 284 11.51 -4.32 -39.07
N TRP B 285 11.27 -4.55 -40.36
CA TRP B 285 10.42 -5.66 -40.79
C TRP B 285 11.27 -6.63 -41.58
N GLU B 286 11.59 -7.77 -40.98
CA GLU B 286 12.43 -8.77 -41.63
C GLU B 286 12.19 -10.13 -40.98
N ASN B 287 12.36 -11.20 -41.75
CA ASN B 287 12.10 -12.54 -41.21
C ASN B 287 10.68 -12.54 -40.65
N VAL B 288 9.90 -11.57 -41.10
CA VAL B 288 8.50 -11.42 -40.72
C VAL B 288 7.85 -12.83 -40.72
N GLU B 289 8.40 -13.70 -41.57
CA GLU B 289 7.93 -15.07 -41.71
C GLU B 289 8.17 -15.90 -40.45
N GLU B 290 9.33 -15.68 -39.84
CA GLU B 290 9.78 -16.36 -38.61
C GLU B 290 8.83 -16.13 -37.43
N PHE B 291 8.39 -14.88 -37.26
CA PHE B 291 7.47 -14.49 -36.21
C PHE B 291 6.32 -13.76 -36.90
N LYS B 292 5.52 -14.49 -37.69
CA LYS B 292 4.42 -13.92 -38.43
C LYS B 292 3.45 -13.17 -37.52
N ASP B 293 2.76 -13.93 -36.69
CA ASP B 293 1.76 -13.42 -35.76
C ASP B 293 2.21 -12.22 -34.90
N VAL B 294 3.49 -12.14 -34.58
CA VAL B 294 3.99 -11.03 -33.76
C VAL B 294 4.08 -9.77 -34.59
N PHE B 295 4.73 -9.87 -35.75
CA PHE B 295 4.86 -8.74 -36.66
C PHE B 295 3.51 -8.23 -37.07
N ASP B 296 2.55 -9.14 -37.16
CA ASP B 296 1.21 -8.75 -37.58
C ASP B 296 0.38 -8.19 -36.44
N GLN B 297 0.54 -8.76 -35.25
CA GLN B 297 -0.23 -8.31 -34.10
C GLN B 297 0.42 -7.13 -33.42
N GLY B 298 1.74 -7.07 -33.54
CA GLY B 298 2.51 -5.99 -32.95
C GLY B 298 2.84 -6.26 -31.50
N ILE B 299 3.92 -5.64 -31.04
CA ILE B 299 4.35 -5.75 -29.66
C ILE B 299 4.07 -4.40 -29.00
N GLU B 300 3.28 -4.41 -27.93
CA GLU B 300 2.98 -3.19 -27.19
C GLU B 300 3.67 -3.18 -25.84
N ILE B 301 4.23 -2.03 -25.49
CA ILE B 301 4.92 -1.90 -24.21
C ILE B 301 4.25 -0.78 -23.45
N PHE B 302 3.61 -1.10 -22.34
CA PHE B 302 2.95 -0.10 -21.54
C PHE B 302 3.89 0.26 -20.39
N GLN B 303 3.89 1.53 -20.01
CA GLN B 303 4.73 2.00 -18.94
C GLN B 303 3.84 2.71 -17.91
N ILE B 304 3.55 2.03 -16.81
CA ILE B 304 2.69 2.61 -15.78
C ILE B 304 3.45 3.15 -14.58
N GLU B 305 3.16 4.39 -14.18
CA GLU B 305 3.80 4.99 -13.02
C GLU B 305 2.94 4.67 -11.81
N THR B 306 3.49 3.90 -10.88
CA THR B 306 2.74 3.50 -9.70
C THR B 306 2.41 4.64 -8.77
N LEU B 307 1.45 4.37 -7.90
CA LEU B 307 0.98 5.34 -6.94
C LEU B 307 1.86 5.29 -5.68
N ASN B 308 2.46 4.12 -5.42
CA ASN B 308 3.32 3.91 -4.26
C ASN B 308 4.78 4.09 -4.60
N PRO B 309 5.61 4.43 -3.62
CA PRO B 309 7.04 4.63 -3.84
C PRO B 309 7.76 3.28 -3.79
N HIS B 310 9.02 3.27 -4.20
CA HIS B 310 9.80 2.03 -4.17
C HIS B 310 10.69 2.03 -2.91
N PHE B 311 10.72 0.91 -2.21
CA PHE B 311 11.53 0.73 -1.01
C PHE B 311 11.82 -0.74 -0.90
N HIS B 312 13.11 -1.05 -0.79
CA HIS B 312 13.58 -2.43 -0.81
C HIS B 312 14.93 -2.66 -0.13
N GLU B 313 15.31 -3.94 0.02
CA GLU B 313 16.55 -4.46 0.63
C GLU B 313 16.22 -5.53 1.67
N HIS B 319 27.21 -2.02 -5.88
CA HIS B 319 27.73 -2.16 -7.17
C HIS B 319 26.66 -1.54 -7.95
N VAL B 320 26.83 -0.32 -8.34
CA VAL B 320 25.88 0.42 -9.01
C VAL B 320 26.79 0.51 -10.11
N LYS B 321 27.93 0.03 -9.84
CA LYS B 321 28.79 0.20 -10.98
C LYS B 321 28.56 -0.88 -12.01
N GLU B 322 28.32 -2.10 -11.55
CA GLU B 322 28.08 -3.22 -12.46
C GLU B 322 26.76 -3.02 -13.15
N LEU B 324 25.23 -0.44 -13.77
CA LEU B 324 25.48 0.57 -14.77
C LEU B 324 26.30 0.07 -15.98
N LEU B 325 27.32 -0.73 -15.72
CA LEU B 325 28.14 -1.28 -16.82
C LEU B 325 27.41 -2.37 -17.61
N LEU B 326 26.63 -3.18 -16.93
CA LEU B 326 25.90 -4.25 -17.61
C LEU B 326 24.71 -3.71 -18.39
N SER B 327 24.03 -2.70 -17.84
CA SER B 327 22.89 -2.11 -18.53
C SER B 327 23.34 -1.48 -19.86
N LEU B 328 24.39 -0.66 -19.78
CA LEU B 328 24.91 0.00 -20.98
C LEU B 328 25.58 -0.97 -21.91
N ALA B 329 26.13 -2.05 -21.35
CA ALA B 329 26.77 -3.07 -22.18
C ALA B 329 25.74 -3.69 -23.10
N THR B 330 24.51 -3.77 -22.62
CA THR B 330 23.42 -4.32 -23.38
C THR B 330 23.19 -3.50 -24.62
N ILE B 331 23.33 -2.18 -24.49
CA ILE B 331 23.11 -1.28 -25.61
C ILE B 331 24.33 -1.17 -26.52
N TYR B 332 25.51 -1.08 -25.93
CA TYR B 332 26.73 -0.97 -26.71
C TYR B 332 26.92 -2.19 -27.66
N HIS B 333 26.46 -3.37 -27.27
CA HIS B 333 26.61 -4.56 -28.10
C HIS B 333 25.50 -4.93 -29.08
N SER B 334 24.60 -4.03 -29.46
CA SER B 334 23.53 -4.47 -30.39
C SER B 334 23.71 -4.20 -31.89
N LYS B 335 23.05 -5.01 -32.72
CA LYS B 335 23.10 -4.85 -34.18
C LYS B 335 22.44 -3.52 -34.50
N LEU B 336 22.17 -2.74 -33.47
CA LEU B 336 21.44 -1.52 -33.68
C LEU B 336 22.05 -0.27 -33.06
N ALA B 337 23.15 -0.41 -32.34
CA ALA B 337 23.81 0.76 -31.75
C ALA B 337 24.66 1.37 -32.84
N THR B 338 24.61 2.68 -32.99
CA THR B 338 25.44 3.28 -34.04
C THR B 338 26.90 3.30 -33.65
N ASP B 339 27.66 3.72 -34.64
CA ASP B 339 29.09 3.83 -34.58
C ASP B 339 29.41 4.92 -33.56
N ASN B 340 28.56 5.93 -33.50
CA ASN B 340 28.73 7.07 -32.60
C ASN B 340 28.14 6.84 -31.21
N LEU B 341 26.98 6.19 -31.16
CA LEU B 341 26.32 5.89 -29.90
C LEU B 341 27.25 5.14 -28.95
N ARG B 342 27.97 4.18 -29.50
CA ARG B 342 28.91 3.38 -28.72
C ARG B 342 30.06 4.21 -28.16
N LYS B 343 30.50 5.18 -28.95
CA LYS B 343 31.59 6.05 -28.59
C LYS B 343 31.30 6.80 -27.30
N ARG B 344 30.15 7.44 -27.23
CA ARG B 344 29.83 8.17 -26.01
C ARG B 344 29.77 7.23 -24.81
N ILE B 345 29.06 6.08 -24.96
CA ILE B 345 28.93 5.11 -23.88
C ILE B 345 30.30 4.79 -23.34
N LEU B 346 31.17 4.42 -24.27
CA LEU B 346 32.54 4.08 -23.95
C LEU B 346 33.12 5.16 -23.06
N LYS B 347 33.34 6.33 -23.66
CA LYS B 347 33.92 7.46 -22.98
C LYS B 347 33.17 7.86 -21.72
N ASP B 348 31.87 7.56 -21.67
CA ASP B 348 31.09 7.91 -20.48
C ASP B 348 31.50 6.92 -19.37
N LEU B 349 31.60 5.65 -19.74
CA LEU B 349 31.96 4.58 -18.80
C LEU B 349 33.38 4.78 -18.29
N ARG B 350 34.29 5.04 -19.23
CA ARG B 350 35.68 5.24 -18.87
C ARG B 350 35.82 6.49 -18.05
N ASP B 351 35.37 7.62 -18.60
CA ASP B 351 35.46 8.89 -17.88
C ASP B 351 34.48 8.94 -16.71
N GLU B 359 39.60 -1.48 -24.02
CA GLU B 359 38.74 -2.15 -23.04
C GLU B 359 37.26 -1.83 -23.24
N GLU B 360 36.53 -2.75 -23.86
CA GLU B 360 35.11 -2.59 -24.13
C GLU B 360 34.22 -3.19 -23.03
N PRO B 361 32.90 -2.99 -23.14
CA PRO B 361 31.98 -3.53 -22.13
C PRO B 361 31.88 -5.04 -22.32
N PRO B 362 31.63 -5.78 -21.23
CA PRO B 362 31.51 -7.23 -21.36
C PRO B 362 30.25 -7.59 -22.11
N LYS B 363 30.32 -8.52 -23.05
CA LYS B 363 29.14 -8.92 -23.79
C LYS B 363 28.19 -9.64 -22.82
N PRO B 364 26.87 -9.33 -22.84
CA PRO B 364 25.99 -10.02 -21.91
C PRO B 364 25.58 -11.45 -22.20
N LEU B 365 25.56 -12.28 -21.17
CA LEU B 365 25.12 -13.66 -21.33
C LEU B 365 23.67 -13.67 -21.80
N VAL B 366 23.38 -14.44 -22.83
CA VAL B 366 22.03 -14.52 -23.33
C VAL B 366 21.65 -15.98 -23.56
N ARG B 368 18.69 -18.67 -24.96
CA ARG B 368 17.67 -18.73 -25.99
C ARG B 368 16.27 -18.78 -25.44
N PRO B 369 15.28 -18.44 -26.28
CA PRO B 369 13.86 -18.43 -25.95
C PRO B 369 13.57 -19.83 -25.43
N ILE B 370 12.46 -20.00 -24.72
CA ILE B 370 12.12 -21.29 -24.18
C ILE B 370 10.88 -21.85 -24.88
N LYS B 371 10.47 -21.17 -25.95
CA LYS B 371 9.29 -21.54 -26.73
C LYS B 371 9.24 -22.95 -27.30
N GLU B 372 10.37 -23.42 -27.80
CA GLU B 372 10.40 -24.73 -28.41
C GLU B 372 10.66 -25.87 -27.44
N ILE B 373 10.35 -25.65 -26.17
CA ILE B 373 10.55 -26.69 -25.19
C ILE B 373 9.22 -27.38 -24.97
N PRO B 374 9.17 -28.70 -25.15
CA PRO B 374 7.95 -29.48 -24.96
C PRO B 374 7.57 -29.34 -23.50
N ILE B 375 6.93 -28.23 -23.15
CA ILE B 375 6.58 -27.96 -21.77
C ILE B 375 6.16 -29.18 -20.95
N LYS B 376 5.21 -29.95 -21.47
CA LYS B 376 4.73 -31.14 -20.77
C LYS B 376 5.82 -32.14 -20.42
N GLU B 377 6.62 -32.52 -21.42
CA GLU B 377 7.67 -33.49 -21.18
C GLU B 377 8.60 -32.92 -20.11
N TRP B 378 8.97 -31.66 -20.29
CA TRP B 378 9.83 -30.94 -19.34
C TRP B 378 9.23 -31.01 -17.93
N ASP B 380 6.95 -33.12 -16.77
CA ASP B 380 6.84 -34.50 -16.31
C ASP B 380 8.12 -34.94 -15.60
N ILE B 381 9.27 -34.62 -16.19
CA ILE B 381 10.51 -35.03 -15.58
C ILE B 381 11.00 -34.11 -14.47
N VAL B 382 10.37 -32.94 -14.32
CA VAL B 382 10.74 -32.04 -13.23
C VAL B 382 10.00 -32.61 -12.02
N GLU B 383 8.73 -32.95 -12.22
CA GLU B 383 7.86 -33.52 -11.18
C GLU B 383 8.32 -34.86 -10.63
N GLY B 384 8.81 -35.72 -11.53
CA GLY B 384 9.27 -37.03 -11.11
C GLY B 384 10.71 -37.14 -10.67
N ASN B 385 11.44 -36.02 -10.62
CA ASN B 385 12.85 -36.06 -10.21
C ASN B 385 13.29 -34.97 -9.25
N SER B 386 12.48 -33.92 -9.11
CA SER B 386 12.88 -32.82 -8.25
C SER B 386 12.54 -33.06 -6.79
N GLU B 387 13.59 -32.99 -5.96
CA GLU B 387 13.48 -33.21 -4.53
C GLU B 387 13.01 -32.00 -3.73
N THR B 388 12.95 -30.83 -4.36
CA THR B 388 12.54 -29.65 -3.62
C THR B 388 11.24 -29.00 -4.07
N LEU B 389 10.62 -29.54 -5.10
CA LEU B 389 9.36 -28.99 -5.60
C LEU B 389 8.23 -29.04 -4.56
N LEU B 390 7.56 -27.93 -4.35
CA LEU B 390 6.47 -27.86 -3.38
C LEU B 390 5.21 -27.34 -4.05
N ARG B 391 4.15 -28.14 -4.04
CA ARG B 391 2.88 -27.77 -4.65
C ARG B 391 1.78 -27.62 -3.58
N PHE B 392 0.99 -26.57 -3.70
CA PHE B 392 -0.10 -26.31 -2.77
C PHE B 392 -1.23 -25.83 -3.65
N GLU B 393 -2.25 -26.68 -3.79
CA GLU B 393 -3.44 -26.39 -4.60
C GLU B 393 -3.10 -25.76 -5.95
N LEU B 394 -1.96 -26.14 -6.53
CA LEU B 394 -1.55 -25.58 -7.81
C LEU B 394 -0.73 -26.58 -8.60
#